data_4WWH
#
_entry.id   4WWH
#
_cell.length_a   68.045
_cell.length_b   83.617
_cell.length_c   100.242
_cell.angle_alpha   90.000
_cell.angle_beta   90.000
_cell.angle_gamma   90.000
#
_symmetry.space_group_name_H-M   'P 21 21 21'
#
loop_
_entity.id
_entity.type
_entity.pdbx_description
1 polymer 'ABC transporter'
2 non-polymer beta-D-galactopyranose
3 non-polymer 2-AMINO-2-HYDROXYMETHYL-PROPANE-1,3-DIOL
4 water water
#
_entity_poly.entity_id   1
_entity_poly.type   'polypeptide(L)'
_entity_poly.pdbx_seq_one_letter_code
;(MSE)HHHHHHSSGVDLGTENLYFQS(MSE)AEGGGGGDGDAKGTVGIA(MSE)PTKSSERWVADGQN(MSE)VDQFKAF
GYDTDLQYGDDVVQNQVSQIEN(MSE)ITKGVKLLVIAPIDGSSLTNTLQHAADLKIPVISYDRLIKGTPNVDYYATFDN
TKVGVLQANYIVDTLGVADGKGPFNLELFAGSPDDNNATYFFQGA(MSE)SVLQPYIDSGKLVVKSGQTTFDQIATLRWD
GGLAQSR(MSE)DNLLSQAYTSGRVDAVLSPYDGISRGVISALKSAGYGNAAKPLPIVTGQDAELASVKSIVAGEQTQTV
FKDTRELAKAAVQEADAVLTGGTPQVNDTETYDNGVKVVPSYLLDPVSVDKSNYKKVLIDSGYYTETQVQ
;
_entity_poly.pdbx_strand_id   A,B
#
# COMPACT_ATOMS: atom_id res chain seq x y z
N ALA A 34 -7.85 -6.43 39.42
CA ALA A 34 -7.87 -7.89 39.59
C ALA A 34 -8.40 -8.58 38.34
N LYS A 35 -9.20 -7.87 37.55
CA LYS A 35 -9.80 -8.44 36.35
C LYS A 35 -8.81 -8.53 35.19
N GLY A 36 -7.63 -7.96 35.36
CA GLY A 36 -6.58 -8.10 34.36
C GLY A 36 -6.61 -7.05 33.27
N THR A 37 -5.94 -7.37 32.16
CA THR A 37 -5.70 -6.42 31.09
C THR A 37 -6.29 -6.96 29.80
N VAL A 38 -6.94 -6.08 29.05
CA VAL A 38 -7.45 -6.41 27.72
C VAL A 38 -6.53 -5.76 26.68
N GLY A 39 -6.14 -6.53 25.66
CA GLY A 39 -5.32 -5.99 24.59
C GLY A 39 -6.20 -5.40 23.50
N ILE A 40 -5.83 -4.22 23.03
CA ILE A 40 -6.58 -3.54 21.98
C ILE A 40 -5.62 -3.19 20.85
N ALA A 41 -5.82 -3.81 19.69
CA ALA A 41 -4.89 -3.66 18.56
C ALA A 41 -5.59 -2.95 17.40
N PRO A 43 -5.52 -0.41 13.84
CA PRO A 43 -4.67 -0.55 12.65
C PRO A 43 -3.68 0.59 12.42
N THR A 44 -4.11 1.81 12.65
CA THR A 44 -3.31 2.98 12.33
C THR A 44 -3.95 4.20 12.96
N LYS A 45 -3.16 5.24 13.19
CA LYS A 45 -3.68 6.54 13.57
C LYS A 45 -3.92 7.46 12.37
N SER A 46 -3.53 7.03 11.16
N SER A 46 -3.49 7.03 11.19
CA SER A 46 -3.60 7.88 9.96
CA SER A 46 -3.57 7.88 10.01
C SER A 46 -5.02 8.03 9.41
C SER A 46 -5.03 8.16 9.65
N SER A 47 -5.92 7.21 9.92
CA SER A 47 -7.36 7.44 9.80
C SER A 47 -7.84 7.71 11.22
N GLU A 48 -8.35 8.91 11.45
CA GLU A 48 -8.50 9.40 12.79
C GLU A 48 -9.52 8.67 13.64
N ARG A 49 -10.47 7.96 13.05
CA ARG A 49 -11.47 7.29 13.88
C ARG A 49 -10.81 6.34 14.86
N TRP A 50 -9.72 5.68 14.46
CA TRP A 50 -9.21 4.59 15.29
C TRP A 50 -8.61 5.10 16.58
N VAL A 51 -8.18 6.35 16.58
CA VAL A 51 -7.72 7.01 17.80
C VAL A 51 -8.89 7.11 18.79
N ALA A 52 -10.06 7.47 18.28
CA ALA A 52 -11.27 7.58 19.11
C ALA A 52 -11.81 6.22 19.51
N ASP A 53 -11.81 5.25 18.59
CA ASP A 53 -12.21 3.89 18.96
C ASP A 53 -11.37 3.42 20.14
N GLY A 54 -10.06 3.59 20.03
CA GLY A 54 -9.14 3.10 21.04
C GLY A 54 -9.30 3.80 22.37
N GLN A 55 -9.32 5.13 22.36
CA GLN A 55 -9.40 5.89 23.61
C GLN A 55 -10.72 5.65 24.32
N ASN A 56 -11.81 5.62 23.57
CA ASN A 56 -13.09 5.37 24.19
C ASN A 56 -13.13 3.96 24.80
N VAL A 58 -10.45 2.32 25.99
CA VAL A 58 -9.62 2.37 27.19
C VAL A 58 -10.46 2.87 28.38
N ASP A 59 -11.20 3.93 28.16
CA ASP A 59 -11.96 4.56 29.23
C ASP A 59 -13.12 3.65 29.67
N GLN A 60 -13.78 3.01 28.72
CA GLN A 60 -14.88 2.12 29.10
C GLN A 60 -14.38 0.84 29.76
N PHE A 61 -13.27 0.29 29.29
CA PHE A 61 -12.70 -0.87 29.96
C PHE A 61 -12.34 -0.50 31.40
N LYS A 62 -11.80 0.69 31.62
CA LYS A 62 -11.46 1.12 32.97
C LYS A 62 -12.73 1.18 33.82
N ALA A 63 -13.81 1.67 33.25
CA ALA A 63 -15.06 1.76 34.00
C ALA A 63 -15.54 0.38 34.45
N PHE A 64 -15.22 -0.64 33.66
CA PHE A 64 -15.58 -2.02 33.99
C PHE A 64 -14.52 -2.72 34.86
N GLY A 65 -13.43 -2.03 35.17
CA GLY A 65 -12.41 -2.59 36.05
C GLY A 65 -11.26 -3.31 35.36
N TYR A 66 -11.09 -3.09 34.06
CA TYR A 66 -10.01 -3.68 33.29
C TYR A 66 -8.93 -2.67 32.95
N ASP A 67 -7.68 -3.09 33.11
CA ASP A 67 -6.56 -2.38 32.50
C ASP A 67 -6.57 -2.67 30.99
N THR A 68 -5.80 -1.90 30.22
CA THR A 68 -5.71 -2.11 28.78
C THR A 68 -4.30 -1.92 28.28
N ASP A 69 -4.01 -2.61 27.18
CA ASP A 69 -2.80 -2.40 26.39
C ASP A 69 -3.25 -1.99 24.99
N LEU A 70 -3.27 -0.68 24.74
CA LEU A 70 -3.73 -0.12 23.47
C LEU A 70 -2.54 0.14 22.56
N GLN A 71 -2.55 -0.44 21.37
CA GLN A 71 -1.46 -0.30 20.41
C GLN A 71 -2.02 -0.02 19.01
N TYR A 72 -1.23 0.69 18.21
CA TYR A 72 -1.59 1.04 16.84
C TYR A 72 -0.51 0.50 15.93
N GLY A 73 -0.90 -0.16 14.85
CA GLY A 73 0.04 -0.77 13.94
C GLY A 73 0.68 0.13 12.90
N ASP A 74 0.24 1.38 12.80
CA ASP A 74 0.74 2.32 11.78
C ASP A 74 0.62 1.73 10.35
N ASP A 75 -0.38 0.90 10.14
CA ASP A 75 -0.63 0.24 8.86
C ASP A 75 0.48 -0.68 8.39
N VAL A 76 1.37 -1.06 9.30
CA VAL A 76 2.35 -2.10 9.03
C VAL A 76 1.77 -3.39 9.63
N VAL A 77 1.40 -4.32 8.77
CA VAL A 77 0.86 -5.59 9.22
C VAL A 77 1.73 -6.22 10.30
N GLN A 78 3.04 -6.26 10.10
CA GLN A 78 3.90 -6.94 11.06
C GLN A 78 3.97 -6.19 12.39
N ASN A 79 3.79 -4.87 12.40
CA ASN A 79 3.72 -4.16 13.67
C ASN A 79 2.49 -4.65 14.45
N GLN A 80 1.35 -4.75 13.79
CA GLN A 80 0.15 -5.22 14.46
C GLN A 80 0.32 -6.67 14.93
N VAL A 81 0.90 -7.53 14.09
CA VAL A 81 1.14 -8.91 14.49
C VAL A 81 2.03 -8.95 15.72
N SER A 82 3.13 -8.20 15.69
N SER A 82 3.11 -8.19 15.72
CA SER A 82 4.06 -8.11 16.82
CA SER A 82 4.05 -8.19 16.84
C SER A 82 3.32 -7.69 18.08
C SER A 82 3.39 -7.63 18.11
N GLN A 83 2.51 -6.66 17.95
CA GLN A 83 1.80 -6.09 19.08
C GLN A 83 0.88 -7.14 19.71
N ILE A 84 0.17 -7.90 18.88
CA ILE A 84 -0.74 -8.94 19.36
C ILE A 84 0.07 -10.10 19.98
N GLU A 85 1.17 -10.48 19.34
CA GLU A 85 2.02 -11.53 19.90
C GLU A 85 2.43 -11.15 21.31
N ASN A 86 2.80 -9.88 21.50
CA ASN A 86 3.24 -9.41 22.80
C ASN A 86 2.11 -9.41 23.82
N ILE A 88 -0.37 -11.47 23.87
CA ILE A 88 -0.56 -12.87 24.21
C ILE A 88 0.49 -13.35 25.21
N THR A 89 1.75 -13.01 24.99
CA THR A 89 2.80 -13.46 25.89
C THR A 89 2.72 -12.74 27.23
N LYS A 90 2.15 -11.54 27.25
CA LYS A 90 1.97 -10.78 28.50
C LYS A 90 0.70 -11.16 29.24
N GLY A 91 -0.06 -12.09 28.69
CA GLY A 91 -1.20 -12.66 29.39
C GLY A 91 -2.44 -11.78 29.45
N VAL A 92 -2.73 -11.04 28.39
CA VAL A 92 -4.00 -10.31 28.38
C VAL A 92 -5.12 -11.33 28.48
N LYS A 93 -6.27 -10.89 28.99
CA LYS A 93 -7.42 -11.77 29.18
C LYS A 93 -8.28 -11.93 27.93
N LEU A 94 -8.17 -10.98 27.01
CA LEU A 94 -9.03 -10.93 25.82
C LEU A 94 -8.35 -10.00 24.85
N LEU A 95 -8.57 -10.22 23.55
CA LEU A 95 -8.05 -9.36 22.49
C LEU A 95 -9.18 -8.71 21.74
N VAL A 96 -9.08 -7.39 21.54
CA VAL A 96 -9.99 -6.66 20.65
C VAL A 96 -9.11 -6.17 19.51
N ILE A 97 -9.37 -6.63 18.30
CA ILE A 97 -8.48 -6.40 17.18
C ILE A 97 -9.24 -5.88 15.97
N ALA A 98 -8.80 -4.74 15.44
CA ALA A 98 -9.28 -4.21 14.16
C ALA A 98 -8.14 -4.46 13.17
N PRO A 99 -8.24 -5.50 12.34
CA PRO A 99 -7.10 -5.88 11.50
C PRO A 99 -6.79 -4.87 10.41
N ILE A 100 -5.51 -4.67 10.17
CA ILE A 100 -5.05 -4.03 8.94
C ILE A 100 -5.39 -4.94 7.75
N ASP A 101 -4.88 -6.16 7.79
CA ASP A 101 -5.09 -7.16 6.75
C ASP A 101 -5.87 -8.31 7.39
N GLY A 102 -7.11 -8.48 6.96
CA GLY A 102 -8.00 -9.43 7.60
C GLY A 102 -7.53 -10.87 7.60
N SER A 103 -6.63 -11.24 6.70
CA SER A 103 -6.20 -12.62 6.57
C SER A 103 -4.81 -12.86 7.17
N SER A 104 -4.24 -11.86 7.83
CA SER A 104 -2.85 -11.92 8.29
C SER A 104 -2.64 -12.45 9.69
N LEU A 105 -3.70 -12.82 10.38
CA LEU A 105 -3.60 -13.09 11.82
C LEU A 105 -3.82 -14.53 12.23
N THR A 106 -3.95 -15.43 11.26
CA THR A 106 -4.35 -16.80 11.55
C THR A 106 -3.40 -17.54 12.50
N ASN A 107 -2.10 -17.51 12.22
CA ASN A 107 -1.17 -18.18 13.11
C ASN A 107 -1.16 -17.54 14.48
N THR A 108 -1.22 -16.21 14.51
CA THR A 108 -1.18 -15.49 15.77
C THR A 108 -2.39 -15.84 16.64
N LEU A 109 -3.55 -15.94 16.02
CA LEU A 109 -4.77 -16.20 16.80
C LEU A 109 -4.89 -17.67 17.23
N GLN A 110 -4.19 -18.57 16.56
CA GLN A 110 -4.15 -19.93 17.07
C GLN A 110 -3.41 -19.93 18.41
N HIS A 111 -2.35 -19.13 18.53
N HIS A 111 -2.37 -19.12 18.49
CA HIS A 111 -1.65 -19.03 19.81
CA HIS A 111 -1.60 -18.94 19.71
C HIS A 111 -2.59 -18.46 20.86
C HIS A 111 -2.52 -18.41 20.82
N ALA A 112 -3.37 -17.44 20.49
CA ALA A 112 -4.34 -16.89 21.44
C ALA A 112 -5.33 -17.97 21.90
N ALA A 113 -5.86 -18.72 20.94
CA ALA A 113 -6.82 -19.79 21.26
C ALA A 113 -6.21 -20.85 22.16
N ASP A 114 -4.94 -21.17 21.95
CA ASP A 114 -4.29 -22.17 22.78
C ASP A 114 -3.91 -21.66 24.16
N LEU A 115 -4.05 -20.35 24.35
CA LEU A 115 -3.91 -19.75 25.68
C LEU A 115 -5.27 -19.35 26.24
N LYS A 116 -6.34 -19.74 25.55
CA LYS A 116 -7.69 -19.47 26.02
C LYS A 116 -8.00 -17.98 26.09
N ILE A 117 -7.45 -17.22 25.15
CA ILE A 117 -7.70 -15.78 25.11
C ILE A 117 -8.74 -15.49 24.02
N PRO A 118 -9.97 -15.12 24.41
CA PRO A 118 -11.00 -14.85 23.39
C PRO A 118 -10.67 -13.63 22.52
N VAL A 119 -11.25 -13.60 21.34
CA VAL A 119 -10.95 -12.60 20.33
C VAL A 119 -12.25 -11.95 19.87
N ILE A 120 -12.29 -10.62 20.01
CA ILE A 120 -13.35 -9.82 19.45
C ILE A 120 -12.78 -9.10 18.22
N SER A 121 -13.39 -9.35 17.08
CA SER A 121 -13.07 -8.65 15.85
C SER A 121 -13.78 -7.29 15.90
N TYR A 122 -13.02 -6.21 15.72
CA TYR A 122 -13.52 -4.86 15.91
C TYR A 122 -13.58 -4.13 14.59
N ASP A 123 -14.80 -3.79 14.20
CA ASP A 123 -15.15 -3.02 13.01
C ASP A 123 -14.96 -3.77 11.70
N ARG A 124 -13.76 -4.29 11.52
CA ARG A 124 -13.40 -5.09 10.35
C ARG A 124 -13.35 -6.55 10.76
N LEU A 125 -13.79 -7.46 9.88
CA LEU A 125 -13.82 -8.88 10.20
C LEU A 125 -12.47 -9.55 9.94
N ILE A 126 -11.98 -10.28 10.94
CA ILE A 126 -10.83 -11.13 10.78
C ILE A 126 -11.26 -12.41 10.04
N LYS A 127 -10.56 -12.73 8.96
CA LYS A 127 -10.94 -13.84 8.09
C LYS A 127 -10.00 -15.04 8.20
N GLY A 128 -10.51 -16.21 7.82
CA GLY A 128 -9.63 -17.36 7.56
C GLY A 128 -9.26 -18.16 8.78
N THR A 129 -9.92 -17.91 9.90
CA THR A 129 -9.60 -18.56 11.15
C THR A 129 -10.86 -18.82 11.94
N PRO A 130 -10.92 -19.97 12.65
CA PRO A 130 -12.07 -20.23 13.52
C PRO A 130 -11.98 -19.46 14.83
N ASN A 131 -10.83 -18.86 15.09
CA ASN A 131 -10.55 -18.25 16.38
C ASN A 131 -10.93 -16.79 16.47
N VAL A 132 -12.18 -16.53 16.13
CA VAL A 132 -12.82 -15.25 16.33
C VAL A 132 -14.16 -15.54 17.00
N ASP A 133 -14.39 -14.94 18.16
CA ASP A 133 -15.58 -15.25 18.95
C ASP A 133 -16.78 -14.38 18.64
N TYR A 134 -16.54 -13.13 18.25
CA TYR A 134 -17.58 -12.13 18.18
C TYR A 134 -17.08 -11.00 17.30
N TYR A 135 -18.01 -10.33 16.64
CA TYR A 135 -17.68 -9.23 15.74
C TYR A 135 -18.59 -8.05 16.04
N ALA A 136 -18.01 -6.90 16.38
CA ALA A 136 -18.76 -5.69 16.65
C ALA A 136 -18.45 -4.67 15.57
N THR A 137 -19.48 -4.13 14.94
CA THR A 137 -19.25 -3.26 13.79
C THR A 137 -20.47 -2.38 13.58
N PHE A 138 -20.43 -1.57 12.52
CA PHE A 138 -21.61 -0.88 12.02
C PHE A 138 -22.23 -1.69 10.88
N ASP A 139 -23.46 -1.38 10.52
CA ASP A 139 -24.08 -2.08 9.41
C ASP A 139 -23.44 -1.62 8.10
N ASN A 140 -22.45 -2.38 7.66
CA ASN A 140 -21.59 -1.95 6.57
C ASN A 140 -22.33 -1.92 5.23
N THR A 141 -23.22 -2.87 4.99
CA THR A 141 -24.07 -2.80 3.80
C THR A 141 -24.84 -1.49 3.79
N LYS A 142 -25.43 -1.14 4.93
CA LYS A 142 -26.23 0.07 5.02
C LYS A 142 -25.41 1.34 4.76
N VAL A 143 -24.16 1.36 5.20
CA VAL A 143 -23.27 2.47 4.86
C VAL A 143 -23.26 2.70 3.36
N GLY A 144 -23.07 1.63 2.58
CA GLY A 144 -23.04 1.75 1.14
C GLY A 144 -24.37 2.22 0.58
N VAL A 145 -25.46 1.68 1.09
CA VAL A 145 -26.79 2.10 0.66
C VAL A 145 -26.95 3.61 0.89
N LEU A 146 -26.52 4.10 2.05
CA LEU A 146 -26.61 5.54 2.34
C LEU A 146 -25.85 6.39 1.33
N GLN A 147 -24.63 5.98 1.03
CA GLN A 147 -23.79 6.71 0.08
C GLN A 147 -24.44 6.76 -1.29
N ALA A 148 -24.90 5.61 -1.76
CA ALA A 148 -25.57 5.55 -3.06
C ALA A 148 -26.88 6.33 -3.08
N ASN A 149 -27.67 6.21 -2.02
CA ASN A 149 -28.91 6.98 -1.94
C ASN A 149 -28.63 8.46 -2.10
N TYR A 150 -27.55 8.94 -1.51
CA TYR A 150 -27.28 10.36 -1.55
C TYR A 150 -27.05 10.80 -2.99
N ILE A 151 -26.29 10.00 -3.75
CA ILE A 151 -26.08 10.29 -5.16
C ILE A 151 -27.39 10.25 -5.96
N VAL A 152 -28.16 9.18 -5.79
CA VAL A 152 -29.41 9.03 -6.52
C VAL A 152 -30.41 10.13 -6.17
N ASP A 153 -30.58 10.41 -4.90
CA ASP A 153 -31.55 11.43 -4.47
C ASP A 153 -31.15 12.79 -4.97
N THR A 154 -29.88 13.13 -4.88
CA THR A 154 -29.42 14.47 -5.24
C THR A 154 -29.53 14.70 -6.74
N LEU A 155 -29.18 13.68 -7.54
CA LEU A 155 -29.25 13.81 -8.99
C LEU A 155 -30.67 13.74 -9.54
N GLY A 156 -31.57 13.08 -8.83
CA GLY A 156 -32.96 13.01 -9.26
C GLY A 156 -33.17 11.97 -10.34
N VAL A 157 -32.31 10.96 -10.42
CA VAL A 157 -32.45 9.95 -11.45
C VAL A 157 -33.70 9.11 -11.29
N ALA A 158 -34.24 9.00 -10.07
CA ALA A 158 -35.49 8.28 -9.86
C ALA A 158 -36.66 8.96 -10.58
N ASP A 159 -36.57 10.26 -10.81
CA ASP A 159 -37.59 10.99 -11.56
C ASP A 159 -37.35 10.95 -13.08
N GLY A 160 -36.26 10.33 -13.49
CA GLY A 160 -35.92 10.25 -14.90
C GLY A 160 -34.91 11.26 -15.39
N LYS A 161 -34.36 12.07 -14.49
CA LYS A 161 -33.35 13.04 -14.87
C LYS A 161 -32.05 12.34 -15.27
N GLY A 162 -31.34 12.91 -16.24
CA GLY A 162 -30.08 12.35 -16.65
C GLY A 162 -29.80 12.64 -18.10
N PRO A 163 -28.77 11.98 -18.64
CA PRO A 163 -27.89 11.06 -17.93
C PRO A 163 -26.80 11.81 -17.17
N PHE A 164 -26.17 11.14 -16.22
CA PHE A 164 -25.07 11.70 -15.45
C PHE A 164 -23.90 10.75 -15.44
N ASN A 165 -22.69 11.29 -15.43
CA ASN A 165 -21.48 10.49 -15.32
C ASN A 165 -21.11 10.24 -13.87
N LEU A 166 -20.79 8.98 -13.60
CA LEU A 166 -20.51 8.45 -12.27
C LEU A 166 -19.17 7.74 -12.29
N GLU A 167 -18.33 7.97 -11.28
CA GLU A 167 -17.16 7.11 -11.10
C GLU A 167 -17.19 6.52 -9.70
N LEU A 168 -16.49 5.40 -9.54
CA LEU A 168 -16.63 4.55 -8.36
C LEU A 168 -15.29 4.28 -7.71
N PHE A 169 -15.28 4.24 -6.39
CA PHE A 169 -14.13 3.82 -5.59
C PHE A 169 -14.57 2.81 -4.55
N ALA A 170 -13.70 1.85 -4.26
CA ALA A 170 -13.87 0.96 -3.13
C ALA A 170 -12.66 1.04 -2.21
N GLY A 171 -12.79 0.46 -1.03
CA GLY A 171 -11.72 0.44 -0.05
C GLY A 171 -10.68 -0.62 -0.32
N SER A 172 -9.90 -0.95 0.70
CA SER A 172 -8.75 -1.81 0.52
C SER A 172 -9.17 -3.27 0.37
N PRO A 173 -8.57 -4.01 -0.58
CA PRO A 173 -9.01 -5.41 -0.77
C PRO A 173 -8.83 -6.31 0.44
N ASP A 174 -7.92 -5.94 1.34
CA ASP A 174 -7.65 -6.72 2.55
C ASP A 174 -8.46 -6.24 3.77
N ASP A 175 -9.50 -5.46 3.51
CA ASP A 175 -10.49 -5.04 4.51
C ASP A 175 -11.81 -5.61 4.07
N ASN A 176 -12.32 -6.57 4.83
CA ASN A 176 -13.57 -7.24 4.49
C ASN A 176 -14.74 -6.26 4.38
N ASN A 177 -14.66 -5.13 5.06
CA ASN A 177 -15.73 -4.14 4.96
C ASN A 177 -15.86 -3.57 3.56
N ALA A 178 -14.76 -3.51 2.79
CA ALA A 178 -14.81 -2.85 1.49
C ALA A 178 -15.85 -3.43 0.55
N THR A 179 -15.96 -4.76 0.51
N THR A 179 -15.96 -4.76 0.48
CA THR A 179 -16.92 -5.37 -0.38
CA THR A 179 -16.95 -5.34 -0.42
C THR A 179 -18.36 -5.10 0.06
C THR A 179 -18.36 -5.05 0.05
N TYR A 180 -18.59 -4.97 1.37
CA TYR A 180 -19.91 -4.65 1.87
C TYR A 180 -20.33 -3.23 1.53
N PHE A 181 -19.44 -2.26 1.70
CA PHE A 181 -19.79 -0.91 1.31
C PHE A 181 -20.10 -0.84 -0.17
N PHE A 182 -19.26 -1.51 -0.96
CA PHE A 182 -19.41 -1.49 -2.42
C PHE A 182 -20.71 -2.16 -2.87
N GLN A 183 -20.96 -3.38 -2.40
CA GLN A 183 -22.17 -4.10 -2.82
C GLN A 183 -23.41 -3.41 -2.29
N GLY A 184 -23.35 -2.82 -1.10
CA GLY A 184 -24.49 -2.08 -0.60
C GLY A 184 -24.82 -0.92 -1.53
N ALA A 185 -23.80 -0.16 -1.93
CA ALA A 185 -24.02 0.94 -2.88
C ALA A 185 -24.55 0.44 -4.20
N SER A 187 -26.36 -2.09 -4.79
CA SER A 187 -27.76 -2.48 -4.72
C SER A 187 -28.70 -1.34 -5.11
N VAL A 188 -28.26 -0.12 -4.84
CA VAL A 188 -29.02 1.08 -5.15
C VAL A 188 -28.70 1.60 -6.55
N LEU A 189 -27.43 1.59 -6.92
CA LEU A 189 -26.99 2.17 -8.19
C LEU A 189 -27.32 1.31 -9.39
N GLN A 190 -27.39 0.01 -9.19
CA GLN A 190 -27.51 -0.95 -10.29
C GLN A 190 -28.57 -0.61 -11.33
N PRO A 191 -29.80 -0.35 -10.89
CA PRO A 191 -30.81 -0.16 -11.93
C PRO A 191 -30.55 1.06 -12.79
N TYR A 192 -29.92 2.08 -12.22
CA TYR A 192 -29.68 3.31 -12.94
C TYR A 192 -28.46 3.22 -13.85
N ILE A 193 -27.46 2.43 -13.47
CA ILE A 193 -26.36 2.11 -14.37
C ILE A 193 -26.89 1.24 -15.52
N ASP A 194 -27.73 0.27 -15.21
CA ASP A 194 -28.26 -0.59 -16.25
C ASP A 194 -29.11 0.18 -17.25
N SER A 195 -29.86 1.19 -16.78
CA SER A 195 -30.74 1.93 -17.68
C SER A 195 -30.03 3.06 -18.44
N GLY A 196 -28.80 3.38 -18.05
CA GLY A 196 -28.05 4.44 -18.70
C GLY A 196 -28.26 5.82 -18.09
N LYS A 197 -29.07 5.94 -17.04
CA LYS A 197 -29.23 7.23 -16.37
C LYS A 197 -27.97 7.64 -15.60
N LEU A 198 -27.22 6.65 -15.12
CA LEU A 198 -25.87 6.86 -14.61
C LEU A 198 -24.92 6.09 -15.50
N VAL A 199 -23.83 6.73 -15.91
CA VAL A 199 -22.87 6.14 -16.83
C VAL A 199 -21.49 6.20 -16.21
N VAL A 200 -20.85 5.06 -16.10
CA VAL A 200 -19.48 5.02 -15.60
C VAL A 200 -18.59 5.19 -16.83
N LYS A 201 -18.27 6.43 -17.16
CA LYS A 201 -17.65 6.73 -18.45
C LYS A 201 -16.32 6.03 -18.62
N SER A 202 -15.58 5.85 -17.53
CA SER A 202 -14.28 5.18 -17.61
C SER A 202 -14.40 3.70 -17.89
N GLY A 203 -15.57 3.12 -17.68
CA GLY A 203 -15.75 1.68 -17.78
C GLY A 203 -15.22 0.89 -16.60
N GLN A 204 -14.75 1.58 -15.57
CA GLN A 204 -14.18 0.89 -14.41
C GLN A 204 -15.26 0.64 -13.39
N THR A 205 -15.77 -0.59 -13.40
CA THR A 205 -16.95 -0.93 -12.64
C THR A 205 -16.77 -2.06 -11.63
N THR A 206 -15.75 -2.90 -11.76
CA THR A 206 -15.64 -4.04 -10.85
C THR A 206 -14.91 -3.64 -9.57
N PHE A 207 -15.18 -4.38 -8.51
CA PHE A 207 -14.49 -4.18 -7.25
C PHE A 207 -12.97 -4.15 -7.47
N ASP A 208 -12.44 -5.11 -8.20
CA ASP A 208 -11.00 -5.18 -8.41
C ASP A 208 -10.47 -3.96 -9.13
N GLN A 209 -11.21 -3.44 -10.10
CA GLN A 209 -10.77 -2.24 -10.82
C GLN A 209 -10.74 -1.01 -9.91
N ILE A 210 -11.65 -0.93 -8.96
CA ILE A 210 -11.88 0.32 -8.25
C ILE A 210 -11.38 0.35 -6.81
N ALA A 211 -10.90 -0.78 -6.31
CA ALA A 211 -10.45 -0.86 -4.91
C ALA A 211 -9.20 -0.03 -4.71
N THR A 212 -9.06 0.51 -3.51
CA THR A 212 -8.02 1.50 -3.20
C THR A 212 -7.15 0.95 -2.07
N LEU A 213 -5.93 0.59 -2.40
CA LEU A 213 -5.04 -0.06 -1.46
C LEU A 213 -4.84 0.81 -0.22
N ARG A 214 -4.98 0.19 0.95
CA ARG A 214 -4.76 0.88 2.22
C ARG A 214 -5.67 2.09 2.41
N TRP A 215 -6.80 2.14 1.71
CA TRP A 215 -7.74 3.25 1.81
C TRP A 215 -7.03 4.57 1.54
N ASP A 216 -5.98 4.54 0.72
CA ASP A 216 -5.05 5.65 0.66
C ASP A 216 -5.55 6.83 -0.19
N GLY A 217 -5.56 8.02 0.38
CA GLY A 217 -6.00 9.21 -0.32
C GLY A 217 -5.11 9.58 -1.49
N GLY A 218 -3.81 9.36 -1.37
CA GLY A 218 -2.90 9.62 -2.46
C GLY A 218 -3.12 8.70 -3.65
N LEU A 219 -3.30 7.42 -3.39
CA LEU A 219 -3.60 6.49 -4.47
C LEU A 219 -4.97 6.80 -5.08
N ALA A 220 -5.93 7.20 -4.24
CA ALA A 220 -7.23 7.61 -4.79
C ALA A 220 -7.10 8.82 -5.70
N GLN A 221 -6.35 9.82 -5.26
CA GLN A 221 -6.12 11.01 -6.04
C GLN A 221 -5.48 10.65 -7.38
N SER A 222 -4.47 9.78 -7.36
CA SER A 222 -3.81 9.40 -8.59
C SER A 222 -4.74 8.64 -9.54
N ARG A 223 -5.60 7.79 -8.99
CA ARG A 223 -6.57 7.11 -9.86
C ARG A 223 -7.53 8.14 -10.46
N ASP A 225 -7.00 11.25 -11.02
CA ASP A 225 -6.24 11.97 -12.04
C ASP A 225 -6.33 11.29 -13.39
N ASN A 226 -6.10 9.98 -13.40
CA ASN A 226 -6.12 9.21 -14.62
C ASN A 226 -7.50 9.11 -15.21
N LEU A 227 -8.51 8.90 -14.37
CA LEU A 227 -9.88 8.87 -14.89
C LEU A 227 -10.18 10.18 -15.61
N LEU A 228 -9.81 11.31 -15.01
CA LEU A 228 -10.12 12.62 -15.59
C LEU A 228 -9.30 12.88 -16.87
N SER A 229 -8.03 12.52 -16.87
CA SER A 229 -7.17 12.84 -18.01
C SER A 229 -7.38 11.88 -19.17
N GLN A 230 -7.79 10.65 -18.89
CA GLN A 230 -7.89 9.62 -19.93
C GLN A 230 -9.33 9.33 -20.34
N ALA A 231 -10.26 9.28 -19.40
CA ALA A 231 -11.63 8.96 -19.72
C ALA A 231 -12.50 10.20 -19.91
N TYR A 232 -12.09 11.32 -19.32
CA TYR A 232 -12.84 12.57 -19.46
C TYR A 232 -12.06 13.60 -20.29
N THR A 233 -11.57 13.18 -21.45
CA THR A 233 -11.01 14.14 -22.42
C THR A 233 -12.09 15.12 -22.87
N SER A 234 -13.35 14.73 -22.68
N SER A 234 -13.35 14.73 -22.74
CA SER A 234 -14.51 15.52 -23.02
CA SER A 234 -14.47 15.63 -22.97
C SER A 234 -15.56 15.36 -21.91
C SER A 234 -15.49 15.40 -21.86
N GLY A 235 -16.22 16.45 -21.55
CA GLY A 235 -17.29 16.37 -20.57
C GLY A 235 -16.80 16.36 -19.13
N ARG A 236 -17.70 15.96 -18.22
CA ARG A 236 -17.45 16.07 -16.80
C ARG A 236 -18.03 14.90 -16.03
N VAL A 237 -17.46 14.66 -14.87
N VAL A 237 -17.45 14.66 -14.88
CA VAL A 237 -18.02 13.73 -13.91
CA VAL A 237 -18.02 13.73 -13.91
C VAL A 237 -19.03 14.45 -13.02
C VAL A 237 -19.06 14.49 -13.08
N ASP A 238 -20.16 13.81 -12.77
CA ASP A 238 -21.25 14.43 -11.99
C ASP A 238 -21.37 13.88 -10.58
N ALA A 239 -20.87 12.67 -10.34
CA ALA A 239 -20.91 12.06 -9.00
C ALA A 239 -19.78 11.10 -8.88
N VAL A 240 -19.22 11.00 -7.67
CA VAL A 240 -18.21 10.00 -7.33
C VAL A 240 -18.65 9.27 -6.07
N LEU A 241 -18.79 7.95 -6.18
CA LEU A 241 -19.00 7.11 -5.02
C LEU A 241 -17.67 6.92 -4.35
N SER A 242 -17.48 7.68 -3.27
CA SER A 242 -16.36 7.50 -2.39
C SER A 242 -16.79 6.84 -1.11
N PRO A 243 -16.11 5.76 -0.72
CA PRO A 243 -16.54 5.02 0.47
C PRO A 243 -15.89 5.51 1.74
N TYR A 244 -15.02 6.52 1.69
CA TYR A 244 -14.26 6.91 2.88
C TYR A 244 -13.74 8.32 2.69
N ASP A 245 -13.83 9.13 3.74
CA ASP A 245 -13.44 10.54 3.69
C ASP A 245 -12.01 10.77 3.17
N GLY A 246 -11.05 9.93 3.54
CA GLY A 246 -9.69 10.12 3.04
C GLY A 246 -9.63 9.99 1.53
N ILE A 247 -10.39 9.04 0.98
CA ILE A 247 -10.51 8.88 -0.46
C ILE A 247 -11.25 10.09 -1.04
N SER A 248 -12.28 10.55 -0.34
CA SER A 248 -13.05 11.68 -0.84
C SER A 248 -12.16 12.90 -1.04
N ARG A 249 -11.27 13.18 -0.09
CA ARG A 249 -10.46 14.37 -0.19
C ARG A 249 -9.40 14.21 -1.29
N GLY A 250 -8.88 13.01 -1.49
CA GLY A 250 -7.95 12.80 -2.59
C GLY A 250 -8.65 12.98 -3.94
N VAL A 251 -9.85 12.45 -4.07
CA VAL A 251 -10.66 12.63 -5.27
C VAL A 251 -10.91 14.11 -5.53
N ILE A 252 -11.27 14.85 -4.49
CA ILE A 252 -11.53 16.29 -4.63
C ILE A 252 -10.29 17.05 -5.08
N SER A 253 -9.11 16.68 -4.58
N SER A 253 -9.12 16.67 -4.58
CA SER A 253 -7.87 17.30 -5.03
CA SER A 253 -7.88 17.29 -5.01
C SER A 253 -7.67 17.10 -6.53
C SER A 253 -7.63 17.08 -6.51
N ALA A 254 -7.83 15.86 -6.99
CA ALA A 254 -7.68 15.57 -8.40
C ALA A 254 -8.67 16.37 -9.22
N LEU A 255 -9.92 16.45 -8.76
CA LEU A 255 -10.94 17.22 -9.47
C LEU A 255 -10.55 18.69 -9.55
N LYS A 256 -10.03 19.23 -8.46
CA LYS A 256 -9.61 20.62 -8.48
C LYS A 256 -8.48 20.84 -9.48
N SER A 257 -7.51 19.91 -9.53
CA SER A 257 -6.41 20.07 -10.50
C SER A 257 -6.89 19.95 -11.94
N ALA A 258 -8.05 19.32 -12.13
CA ALA A 258 -8.69 19.19 -13.44
C ALA A 258 -9.71 20.30 -13.70
N GLY A 259 -9.67 21.35 -12.88
CA GLY A 259 -10.43 22.56 -13.17
C GLY A 259 -11.85 22.60 -12.61
N TYR A 260 -12.18 21.69 -11.70
CA TYR A 260 -13.46 21.71 -11.02
C TYR A 260 -13.36 22.58 -9.76
N GLY A 261 -14.51 23.03 -9.28
CA GLY A 261 -14.57 23.81 -8.05
C GLY A 261 -14.64 25.31 -8.24
N ASN A 262 -15.04 25.76 -9.41
CA ASN A 262 -15.39 27.15 -9.67
C ASN A 262 -16.83 27.21 -10.17
N ALA A 263 -17.36 28.41 -10.32
CA ALA A 263 -18.76 28.56 -10.69
C ALA A 263 -19.06 27.96 -12.06
N ALA A 264 -18.08 28.02 -12.96
CA ALA A 264 -18.24 27.51 -14.31
C ALA A 264 -18.26 25.98 -14.37
N LYS A 265 -17.63 25.32 -13.42
CA LYS A 265 -17.49 23.87 -13.44
C LYS A 265 -17.47 23.37 -12.00
N PRO A 266 -18.66 23.19 -11.40
CA PRO A 266 -18.71 22.81 -9.99
C PRO A 266 -18.19 21.41 -9.75
N LEU A 267 -17.73 21.18 -8.55
CA LEU A 267 -17.38 19.83 -8.14
C LEU A 267 -18.58 18.92 -8.30
N PRO A 268 -18.33 17.65 -8.64
CA PRO A 268 -19.40 16.66 -8.62
C PRO A 268 -19.84 16.39 -7.19
N ILE A 269 -20.93 15.64 -7.05
CA ILE A 269 -21.30 15.08 -5.75
C ILE A 269 -20.20 14.10 -5.33
N VAL A 270 -19.70 14.22 -4.11
CA VAL A 270 -18.71 13.28 -3.58
C VAL A 270 -19.19 12.87 -2.21
N THR A 271 -19.38 11.56 -2.02
CA THR A 271 -19.80 10.97 -0.77
C THR A 271 -18.59 10.69 0.12
N GLY A 272 -18.81 10.01 1.25
CA GLY A 272 -17.71 9.72 2.16
C GLY A 272 -18.14 8.86 3.32
N GLN A 273 -17.23 8.75 4.29
CA GLN A 273 -17.46 7.98 5.51
C GLN A 273 -16.43 8.36 6.55
N ASP A 274 -16.92 8.55 7.77
CA ASP A 274 -16.20 8.67 9.05
C ASP A 274 -16.34 10.06 9.68
N ALA A 275 -16.84 11.04 8.93
CA ALA A 275 -16.93 12.41 9.43
C ALA A 275 -15.60 12.90 10.00
N GLU A 276 -14.53 12.63 9.26
CA GLU A 276 -13.22 13.15 9.62
C GLU A 276 -13.28 14.68 9.62
N LEU A 277 -12.54 15.31 10.51
CA LEU A 277 -12.62 16.76 10.66
C LEU A 277 -12.37 17.51 9.37
N ALA A 278 -11.38 17.10 8.58
CA ALA A 278 -11.10 17.80 7.34
C ALA A 278 -12.25 17.67 6.35
N SER A 279 -12.95 16.54 6.40
CA SER A 279 -14.12 16.36 5.56
C SER A 279 -15.36 17.11 6.06
N VAL A 280 -15.53 17.26 7.36
CA VAL A 280 -16.62 18.09 7.86
C VAL A 280 -16.39 19.53 7.42
N LYS A 281 -15.16 20.01 7.55
CA LYS A 281 -14.82 21.36 7.09
C LYS A 281 -15.09 21.50 5.60
N SER A 282 -14.72 20.49 4.83
CA SER A 282 -14.99 20.47 3.40
C SER A 282 -16.49 20.55 3.10
N ILE A 283 -17.29 19.80 3.83
CA ILE A 283 -18.74 19.82 3.66
C ILE A 283 -19.31 21.22 3.95
N VAL A 284 -18.87 21.84 5.04
CA VAL A 284 -19.34 23.17 5.39
C VAL A 284 -18.95 24.18 4.31
N ALA A 285 -17.79 23.98 3.68
CA ALA A 285 -17.33 24.84 2.58
C ALA A 285 -18.07 24.58 1.28
N GLY A 286 -18.93 23.57 1.25
CA GLY A 286 -19.65 23.23 0.02
C GLY A 286 -18.78 22.52 -1.00
N GLU A 287 -17.79 21.76 -0.54
CA GLU A 287 -16.90 21.00 -1.41
C GLU A 287 -17.27 19.52 -1.37
N GLN A 288 -16.71 18.72 -0.47
CA GLN A 288 -17.26 17.39 -0.26
C GLN A 288 -18.74 17.52 0.06
N THR A 289 -19.58 16.61 -0.44
CA THR A 289 -21.02 16.78 -0.32
C THR A 289 -21.61 16.01 0.85
N GLN A 290 -21.07 14.83 1.13
CA GLN A 290 -21.70 13.93 2.10
C GLN A 290 -20.65 13.10 2.79
N THR A 291 -20.95 12.69 4.01
CA THR A 291 -20.19 11.68 4.71
C THR A 291 -21.17 10.81 5.48
N VAL A 292 -20.62 9.84 6.22
CA VAL A 292 -21.42 8.92 7.03
C VAL A 292 -20.79 8.90 8.41
N PHE A 293 -21.61 9.23 9.41
CA PHE A 293 -21.19 9.28 10.80
C PHE A 293 -21.39 7.93 11.45
N LYS A 294 -20.31 7.42 12.03
CA LYS A 294 -20.31 6.20 12.81
C LYS A 294 -19.74 6.56 14.17
N ASP A 295 -20.59 6.56 15.18
CA ASP A 295 -20.21 7.07 16.50
C ASP A 295 -19.31 6.06 17.21
N THR A 296 -18.03 6.34 17.25
CA THR A 296 -17.05 5.44 17.86
C THR A 296 -17.31 5.28 19.35
N ARG A 297 -18.00 6.22 19.99
CA ARG A 297 -18.33 6.03 21.40
C ARG A 297 -19.28 4.85 21.59
N GLU A 298 -20.18 4.66 20.63
CA GLU A 298 -21.15 3.57 20.69
C GLU A 298 -20.50 2.23 20.40
N LEU A 299 -19.61 2.19 19.41
CA LEU A 299 -18.95 0.94 19.08
C LEU A 299 -18.00 0.53 20.22
N ALA A 300 -17.29 1.49 20.80
CA ALA A 300 -16.42 1.20 21.94
C ALA A 300 -17.22 0.65 23.10
N LYS A 301 -18.35 1.27 23.38
CA LYS A 301 -19.20 0.83 24.47
C LYS A 301 -19.65 -0.60 24.24
N ALA A 302 -20.07 -0.90 23.04
CA ALA A 302 -20.55 -2.24 22.69
C ALA A 302 -19.46 -3.28 22.83
N ALA A 303 -18.26 -2.99 22.33
CA ALA A 303 -17.17 -3.94 22.38
C ALA A 303 -16.80 -4.23 23.82
N VAL A 304 -16.79 -3.20 24.67
CA VAL A 304 -16.43 -3.39 26.07
C VAL A 304 -17.51 -4.18 26.82
N GLN A 305 -18.77 -3.82 26.62
CA GLN A 305 -19.86 -4.53 27.28
C GLN A 305 -19.81 -6.00 26.94
N GLU A 306 -19.61 -6.30 25.68
CA GLU A 306 -19.71 -7.68 25.28
C GLU A 306 -18.41 -8.45 25.58
N ALA A 307 -17.26 -7.76 25.62
CA ALA A 307 -16.02 -8.34 26.13
C ALA A 307 -16.21 -8.76 27.56
N ASP A 308 -16.82 -7.90 28.35
CA ASP A 308 -17.06 -8.21 29.75
C ASP A 308 -18.01 -9.37 29.88
N ALA A 309 -19.04 -9.41 29.05
CA ALA A 309 -19.96 -10.55 29.05
C ALA A 309 -19.20 -11.84 28.74
N VAL A 310 -18.30 -11.83 27.77
CA VAL A 310 -17.52 -13.01 27.48
C VAL A 310 -16.71 -13.46 28.69
N LEU A 311 -16.02 -12.53 29.35
CA LEU A 311 -15.11 -12.88 30.42
C LEU A 311 -15.82 -13.30 31.71
N THR A 312 -17.12 -12.99 31.79
CA THR A 312 -17.88 -13.35 32.99
C THR A 312 -18.90 -14.44 32.71
N GLY A 313 -18.77 -15.10 31.55
CA GLY A 313 -19.59 -16.26 31.24
C GLY A 313 -20.99 -15.89 30.80
N GLY A 314 -21.16 -14.63 30.41
CA GLY A 314 -22.45 -14.14 29.99
C GLY A 314 -22.76 -14.47 28.54
N THR A 315 -23.87 -13.93 28.07
CA THR A 315 -24.29 -14.12 26.69
C THR A 315 -24.07 -12.83 25.91
N PRO A 316 -23.13 -12.83 24.94
CA PRO A 316 -22.90 -11.57 24.22
C PRO A 316 -24.08 -11.21 23.34
N GLN A 317 -24.37 -9.93 23.28
CA GLN A 317 -25.47 -9.41 22.50
C GLN A 317 -25.18 -9.51 21.01
N VAL A 318 -26.10 -10.14 20.30
N VAL A 318 -26.03 -10.25 20.30
CA VAL A 318 -25.95 -10.41 18.89
CA VAL A 318 -25.90 -10.37 18.85
C VAL A 318 -27.20 -9.98 18.15
C VAL A 318 -27.19 -9.91 18.19
N ASN A 319 -27.05 -9.22 17.08
CA ASN A 319 -28.19 -8.90 16.25
C ASN A 319 -28.02 -9.35 14.80
N ASP A 320 -26.96 -10.12 14.54
CA ASP A 320 -26.78 -10.68 13.22
C ASP A 320 -25.97 -11.98 13.30
N THR A 321 -26.60 -13.10 12.91
CA THR A 321 -25.91 -14.38 12.91
C THR A 321 -25.78 -15.01 11.53
N GLU A 322 -26.11 -14.25 10.48
CA GLU A 322 -26.14 -14.79 9.13
C GLU A 322 -25.19 -14.12 8.13
N THR A 323 -24.89 -12.83 8.34
CA THR A 323 -24.16 -12.04 7.34
C THR A 323 -22.67 -12.37 7.27
N TYR A 324 -21.99 -12.37 8.40
CA TYR A 324 -20.54 -12.21 8.40
C TYR A 324 -19.77 -13.52 8.43
N ASP A 325 -19.83 -14.23 7.31
CA ASP A 325 -19.00 -15.39 7.03
C ASP A 325 -17.57 -14.92 6.86
N ASN A 326 -16.68 -15.44 7.69
CA ASN A 326 -15.29 -15.04 7.62
C ASN A 326 -14.41 -16.00 6.83
N GLY A 327 -15.05 -16.95 6.15
CA GLY A 327 -14.30 -17.93 5.36
C GLY A 327 -14.22 -19.29 6.05
N VAL A 328 -14.29 -19.29 7.37
CA VAL A 328 -14.34 -20.53 8.17
C VAL A 328 -15.69 -20.72 8.85
N LYS A 329 -16.27 -19.61 9.32
CA LYS A 329 -17.55 -19.68 10.00
C LYS A 329 -18.24 -18.32 9.94
N VAL A 330 -19.55 -18.33 10.20
CA VAL A 330 -20.30 -17.10 10.30
C VAL A 330 -20.19 -16.62 11.74
N VAL A 331 -19.55 -15.47 11.91
CA VAL A 331 -19.21 -14.98 13.23
C VAL A 331 -20.41 -14.24 13.80
N PRO A 332 -20.80 -14.59 15.04
CA PRO A 332 -21.89 -13.86 15.70
C PRO A 332 -21.55 -12.38 15.78
N SER A 333 -22.46 -11.50 15.37
CA SER A 333 -22.13 -10.10 15.20
C SER A 333 -23.16 -9.16 15.81
N TYR A 334 -22.71 -7.96 16.13
CA TYR A 334 -23.59 -6.91 16.60
C TYR A 334 -23.30 -5.68 15.74
N LEU A 335 -24.32 -5.21 15.03
CA LEU A 335 -24.22 -4.13 14.09
C LEU A 335 -24.89 -2.87 14.62
N LEU A 336 -24.14 -1.79 14.66
CA LEU A 336 -24.65 -0.49 15.06
C LEU A 336 -25.04 0.34 13.83
N ASP A 337 -25.74 1.44 14.07
N ASP A 337 -25.69 1.47 14.06
CA ASP A 337 -26.33 2.22 12.98
CA ASP A 337 -26.31 2.21 12.98
C ASP A 337 -25.45 3.38 12.51
C ASP A 337 -25.51 3.41 12.50
N PRO A 338 -25.21 3.46 11.19
CA PRO A 338 -24.55 4.62 10.59
C PRO A 338 -25.55 5.70 10.19
N VAL A 339 -25.11 6.95 10.09
CA VAL A 339 -26.00 8.07 9.83
C VAL A 339 -25.43 8.93 8.70
N SER A 340 -26.24 9.21 7.68
CA SER A 340 -25.80 10.05 6.58
C SER A 340 -25.75 11.51 6.99
N VAL A 341 -24.71 12.22 6.57
CA VAL A 341 -24.50 13.61 6.94
C VAL A 341 -24.17 14.45 5.72
N ASP A 342 -24.82 15.59 5.61
CA ASP A 342 -24.44 16.62 4.67
C ASP A 342 -24.53 17.98 5.37
N LYS A 343 -24.44 19.07 4.62
CA LYS A 343 -24.36 20.35 5.30
C LYS A 343 -25.64 20.68 6.05
N SER A 344 -26.77 20.12 5.61
CA SER A 344 -28.05 20.43 6.22
C SER A 344 -28.24 19.82 7.61
N ASN A 345 -27.48 18.77 7.95
CA ASN A 345 -27.65 18.14 9.24
C ASN A 345 -26.34 17.90 9.99
N TYR A 346 -25.23 18.48 9.53
CA TYR A 346 -23.96 18.19 10.21
C TYR A 346 -23.99 18.68 11.66
N LYS A 347 -24.61 19.83 11.90
CA LYS A 347 -24.60 20.38 13.25
C LYS A 347 -25.40 19.50 14.21
N LYS A 348 -26.60 19.10 13.79
CA LYS A 348 -27.41 18.20 14.60
C LYS A 348 -26.67 16.88 14.88
N VAL A 349 -26.15 16.26 13.83
CA VAL A 349 -25.62 14.91 13.95
C VAL A 349 -24.28 14.88 14.69
N LEU A 350 -23.43 15.88 14.44
CA LEU A 350 -22.04 15.83 14.92
C LEU A 350 -21.77 16.72 16.13
N ILE A 351 -22.48 17.82 16.26
CA ILE A 351 -22.19 18.78 17.31
C ILE A 351 -23.19 18.65 18.46
N ASP A 352 -24.48 18.61 18.15
CA ASP A 352 -25.50 18.48 19.18
C ASP A 352 -25.42 17.13 19.88
N SER A 353 -24.82 16.14 19.21
CA SER A 353 -24.59 14.82 19.79
C SER A 353 -23.37 14.81 20.70
N GLY A 354 -22.63 15.91 20.75
CA GLY A 354 -21.43 15.97 21.56
C GLY A 354 -20.23 15.30 20.91
N TYR A 355 -20.32 14.82 19.67
CA TYR A 355 -19.19 14.10 19.09
C TYR A 355 -18.02 15.06 18.87
N TYR A 356 -18.32 16.21 18.27
CA TYR A 356 -17.32 17.24 18.05
C TYR A 356 -17.77 18.55 18.69
N THR A 357 -16.79 19.38 19.04
CA THR A 357 -17.09 20.75 19.42
C THR A 357 -17.15 21.63 18.18
N GLU A 358 -17.69 22.83 18.34
CA GLU A 358 -17.86 23.73 17.21
C GLU A 358 -16.50 23.99 16.55
N THR A 359 -15.51 24.34 17.35
CA THR A 359 -14.22 24.72 16.78
C THR A 359 -13.40 23.53 16.27
N GLN A 360 -13.74 22.32 16.71
CA GLN A 360 -13.07 21.12 16.22
C GLN A 360 -13.19 20.92 14.71
N VAL A 361 -14.32 21.34 14.15
CA VAL A 361 -14.55 21.08 12.73
C VAL A 361 -14.30 22.33 11.89
N GLN A 362 -13.62 23.32 12.46
CA GLN A 362 -13.32 24.56 11.75
C GLN A 362 -11.87 24.60 11.29
N ALA B 34 6.70 0.74 -41.67
CA ALA B 34 7.09 1.84 -40.80
C ALA B 34 7.31 1.33 -39.37
N LYS B 35 8.19 2.00 -38.63
CA LYS B 35 8.56 1.52 -37.30
C LYS B 35 7.48 1.67 -36.24
N GLY B 36 6.63 2.67 -36.37
CA GLY B 36 5.51 2.82 -35.44
C GLY B 36 5.91 3.27 -34.04
N THR B 37 5.10 2.88 -33.08
CA THR B 37 5.20 3.38 -31.72
C THR B 37 5.38 2.22 -30.75
N VAL B 38 6.27 2.40 -29.79
CA VAL B 38 6.45 1.45 -28.70
C VAL B 38 5.81 2.03 -27.44
N GLY B 39 5.00 1.23 -26.76
CA GLY B 39 4.38 1.60 -25.51
C GLY B 39 5.30 1.30 -24.33
N ILE B 40 5.42 2.25 -23.40
CA ILE B 40 6.32 2.10 -22.26
C ILE B 40 5.50 2.42 -21.02
N ALA B 41 5.27 1.39 -20.21
CA ALA B 41 4.40 1.50 -19.03
C ALA B 41 5.22 1.34 -17.76
N PRO B 43 5.95 2.10 -13.51
CA PRO B 43 5.02 1.91 -12.39
C PRO B 43 4.61 3.21 -11.67
N THR B 44 5.56 4.12 -11.47
CA THR B 44 5.34 5.30 -10.65
C THR B 44 6.49 6.25 -10.87
N LYS B 45 6.28 7.54 -10.60
CA LYS B 45 7.38 8.50 -10.56
C LYS B 45 7.92 8.72 -9.15
N SER B 46 7.25 8.18 -8.15
CA SER B 46 7.62 8.45 -6.76
C SER B 46 8.95 7.82 -6.37
N SER B 47 9.42 6.84 -7.14
CA SER B 47 10.79 6.35 -7.07
C SER B 47 11.46 6.85 -8.34
N GLU B 48 12.46 7.71 -8.17
CA GLU B 48 12.98 8.49 -9.28
C GLU B 48 13.59 7.68 -10.42
N ARG B 49 14.04 6.46 -10.15
CA ARG B 49 14.69 5.74 -11.24
C ARG B 49 13.74 5.57 -12.42
N TRP B 50 12.43 5.38 -12.18
CA TRP B 50 11.55 5.02 -13.28
C TRP B 50 11.39 6.14 -14.26
N VAL B 51 11.57 7.37 -13.79
CA VAL B 51 11.53 8.53 -14.66
C VAL B 51 12.75 8.50 -15.61
N ALA B 52 13.91 8.14 -15.07
CA ALA B 52 15.11 7.97 -15.89
C ALA B 52 14.98 6.77 -16.83
N ASP B 53 14.49 5.64 -16.33
CA ASP B 53 14.25 4.49 -17.22
C ASP B 53 13.38 4.93 -18.41
N GLY B 54 12.26 5.58 -18.09
CA GLY B 54 11.30 5.95 -19.12
C GLY B 54 11.84 6.97 -20.10
N GLN B 55 12.40 8.06 -19.59
CA GLN B 55 12.91 9.10 -20.47
C GLN B 55 14.09 8.61 -21.28
N ASN B 56 14.97 7.82 -20.67
CA ASN B 56 16.10 7.30 -21.42
C ASN B 56 15.62 6.40 -22.56
N VAL B 58 12.60 6.69 -24.08
CA VAL B 58 12.01 7.58 -25.08
C VAL B 58 13.08 8.14 -26.00
N ASP B 59 14.16 8.62 -25.41
CA ASP B 59 15.22 9.26 -26.18
C ASP B 59 15.94 8.25 -27.09
N GLN B 60 16.26 7.08 -26.56
N GLN B 60 16.25 7.09 -26.54
CA GLN B 60 16.95 6.09 -27.38
CA GLN B 60 16.91 6.03 -27.29
C GLN B 60 16.04 5.47 -28.44
C GLN B 60 16.03 5.53 -28.43
N PHE B 61 14.77 5.23 -28.12
CA PHE B 61 13.83 4.78 -29.15
C PHE B 61 13.76 5.80 -30.27
N LYS B 62 13.69 7.09 -29.93
CA LYS B 62 13.65 8.13 -30.95
C LYS B 62 14.88 8.05 -31.84
N ALA B 63 16.06 7.86 -31.24
CA ALA B 63 17.30 7.78 -32.01
C ALA B 63 17.29 6.60 -32.96
N PHE B 64 16.60 5.52 -32.60
CA PHE B 64 16.46 4.35 -33.45
C PHE B 64 15.26 4.45 -34.42
N GLY B 65 14.51 5.53 -34.34
CA GLY B 65 13.43 5.79 -35.29
C GLY B 65 12.04 5.40 -34.83
N TYR B 66 11.86 5.14 -33.54
CA TYR B 66 10.57 4.73 -32.97
C TYR B 66 9.94 5.84 -32.16
N ASP B 67 8.67 6.10 -32.42
CA ASP B 67 7.87 6.93 -31.53
C ASP B 67 7.56 6.13 -30.28
N THR B 68 7.13 6.80 -29.23
CA THR B 68 6.82 6.14 -27.97
C THR B 68 5.58 6.75 -27.31
N ASP B 69 4.94 5.92 -26.50
CA ASP B 69 3.90 6.36 -25.60
C ASP B 69 4.30 5.96 -24.20
N LEU B 70 4.86 6.90 -23.47
CA LEU B 70 5.38 6.70 -22.13
C LEU B 70 4.34 7.11 -21.10
N GLN B 71 3.99 6.19 -20.21
CA GLN B 71 3.00 6.44 -19.16
C GLN B 71 3.48 5.90 -17.84
N TYR B 72 3.04 6.54 -16.77
CA TYR B 72 3.35 6.11 -15.40
C TYR B 72 2.07 5.82 -14.65
N GLY B 73 2.04 4.70 -13.94
CA GLY B 73 0.84 4.28 -13.26
C GLY B 73 0.58 4.95 -11.93
N ASP B 74 1.55 5.71 -11.43
CA ASP B 74 1.47 6.33 -10.10
C ASP B 74 1.09 5.31 -9.02
N ASP B 75 1.59 4.10 -9.17
CA ASP B 75 1.36 3.00 -8.24
C ASP B 75 -0.10 2.58 -8.07
N VAL B 76 -0.96 2.97 -8.99
CA VAL B 76 -2.33 2.48 -9.05
C VAL B 76 -2.37 1.41 -10.13
N VAL B 77 -2.60 0.17 -9.72
CA VAL B 77 -2.62 -0.95 -10.66
C VAL B 77 -3.57 -0.66 -11.81
N GLN B 78 -4.76 -0.16 -11.52
CA GLN B 78 -5.74 0.05 -12.59
C GLN B 78 -5.32 1.16 -13.54
N ASN B 79 -4.55 2.15 -13.07
CA ASN B 79 -4.00 3.15 -14.00
C ASN B 79 -3.08 2.48 -15.00
N GLN B 80 -2.19 1.61 -14.52
CA GLN B 80 -1.28 0.92 -15.44
C GLN B 80 -2.05 0.02 -16.41
N VAL B 81 -3.04 -0.72 -15.92
CA VAL B 81 -3.87 -1.53 -16.81
C VAL B 81 -4.53 -0.65 -17.89
N SER B 82 -5.12 0.47 -17.50
N SER B 82 -5.11 0.47 -17.49
CA SER B 82 -5.78 1.38 -18.43
CA SER B 82 -5.78 1.37 -18.42
C SER B 82 -4.79 1.88 -19.48
C SER B 82 -4.81 1.92 -19.46
N GLN B 83 -3.59 2.23 -19.02
CA GLN B 83 -2.58 2.78 -19.90
C GLN B 83 -2.15 1.76 -20.93
N ILE B 84 -1.97 0.51 -20.52
CA ILE B 84 -1.60 -0.56 -21.44
C ILE B 84 -2.74 -0.87 -22.40
N GLU B 85 -3.98 -0.92 -21.89
CA GLU B 85 -5.14 -1.04 -22.77
C GLU B 85 -5.13 0.02 -23.86
N ASN B 86 -4.85 1.26 -23.48
CA ASN B 86 -4.84 2.32 -24.45
C ASN B 86 -3.73 2.10 -25.48
N ILE B 88 -2.56 -0.74 -26.50
CA ILE B 88 -3.03 -1.78 -27.40
C ILE B 88 -4.06 -1.20 -28.41
N THR B 89 -5.02 -0.42 -27.91
CA THR B 89 -6.06 0.22 -28.74
C THR B 89 -5.47 1.08 -29.83
N LYS B 90 -4.36 1.74 -29.51
CA LYS B 90 -3.69 2.62 -30.47
C LYS B 90 -2.72 1.88 -31.38
N GLY B 91 -2.58 0.57 -31.21
CA GLY B 91 -1.75 -0.22 -32.11
C GLY B 91 -0.24 -0.07 -31.96
N VAL B 92 0.26 0.04 -30.74
CA VAL B 92 1.71 0.02 -30.54
C VAL B 92 2.26 -1.29 -31.10
N LYS B 93 3.53 -1.24 -31.52
CA LYS B 93 4.20 -2.38 -32.11
C LYS B 93 4.81 -3.32 -31.08
N LEU B 94 4.99 -2.82 -29.86
CA LEU B 94 5.65 -3.58 -28.80
C LEU B 94 5.34 -2.88 -27.49
N LEU B 95 5.29 -3.65 -26.40
CA LEU B 95 5.06 -3.15 -25.07
C LEU B 95 6.26 -3.42 -24.19
N VAL B 96 6.77 -2.38 -23.54
CA VAL B 96 7.78 -2.49 -22.51
C VAL B 96 7.09 -2.12 -21.20
N ILE B 97 6.98 -3.09 -20.28
CA ILE B 97 6.17 -2.89 -19.08
C ILE B 97 6.98 -3.23 -17.83
N ALA B 98 7.04 -2.30 -16.89
CA ALA B 98 7.55 -2.56 -15.55
C ALA B 98 6.33 -2.60 -14.63
N PRO B 99 5.87 -3.78 -14.23
CA PRO B 99 4.60 -3.85 -13.49
C PRO B 99 4.66 -3.29 -12.08
N ILE B 100 3.58 -2.65 -11.67
CA ILE B 100 3.36 -2.35 -10.27
C ILE B 100 3.13 -3.67 -9.52
N ASP B 101 2.12 -4.41 -9.96
CA ASP B 101 1.79 -5.70 -9.35
C ASP B 101 2.01 -6.76 -10.42
N GLY B 102 2.99 -7.62 -10.19
CA GLY B 102 3.40 -8.57 -11.21
C GLY B 102 2.33 -9.50 -11.71
N SER B 103 1.28 -9.72 -10.94
CA SER B 103 0.25 -10.70 -11.29
C SER B 103 -1.03 -10.05 -11.82
N SER B 104 -1.02 -8.74 -12.04
CA SER B 104 -2.24 -7.98 -12.32
C SER B 104 -2.54 -7.78 -13.80
N LEU B 105 -1.66 -8.26 -14.68
CA LEU B 105 -1.73 -7.91 -16.10
C LEU B 105 -2.15 -9.05 -17.01
N THR B 106 -2.56 -10.18 -16.43
CA THR B 106 -2.77 -11.37 -17.22
C THR B 106 -3.82 -11.19 -18.33
N ASN B 107 -4.99 -10.67 -18.02
CA ASN B 107 -5.99 -10.51 -19.09
C ASN B 107 -5.56 -9.49 -20.14
N THR B 108 -4.93 -8.41 -19.70
CA THR B 108 -4.50 -7.37 -20.60
C THR B 108 -3.48 -7.91 -21.59
N LEU B 109 -2.57 -8.75 -21.10
CA LEU B 109 -1.53 -9.27 -21.99
C LEU B 109 -2.03 -10.36 -22.89
N GLN B 110 -3.15 -11.01 -22.55
CA GLN B 110 -3.73 -11.93 -23.51
C GLN B 110 -4.30 -11.14 -24.68
N HIS B 111 -4.88 -9.98 -24.40
CA HIS B 111 -5.35 -9.05 -25.45
C HIS B 111 -4.18 -8.65 -26.36
N ALA B 112 -3.07 -8.26 -25.76
CA ALA B 112 -1.86 -7.94 -26.54
C ALA B 112 -1.41 -9.12 -27.41
N ALA B 113 -1.36 -10.31 -26.83
CA ALA B 113 -0.89 -11.48 -27.58
C ALA B 113 -1.83 -11.84 -28.73
N ASP B 114 -3.13 -11.70 -28.52
CA ASP B 114 -4.07 -12.02 -29.58
C ASP B 114 -3.80 -11.10 -30.77
N LEU B 115 -3.38 -9.87 -30.49
CA LEU B 115 -3.07 -8.91 -31.55
C LEU B 115 -1.60 -8.91 -31.93
N LYS B 116 -0.87 -9.92 -31.47
CA LYS B 116 0.52 -10.15 -31.86
C LYS B 116 1.45 -8.99 -31.52
N ILE B 117 1.25 -8.40 -30.35
CA ILE B 117 2.11 -7.33 -29.86
C ILE B 117 3.08 -7.95 -28.85
N PRO B 118 4.40 -8.00 -29.17
CA PRO B 118 5.36 -8.58 -28.22
C PRO B 118 5.47 -7.78 -26.94
N VAL B 119 5.84 -8.49 -25.89
CA VAL B 119 5.91 -7.93 -24.56
C VAL B 119 7.30 -8.13 -23.96
N ILE B 120 7.93 -7.02 -23.59
CA ILE B 120 9.17 -7.04 -22.82
C ILE B 120 8.85 -6.65 -21.38
N SER B 121 9.15 -7.55 -20.44
CA SER B 121 9.05 -7.25 -19.03
C SER B 121 10.31 -6.47 -18.64
N TYR B 122 10.12 -5.30 -18.02
CA TYR B 122 11.21 -4.37 -17.77
C TYR B 122 11.47 -4.27 -16.28
N ASP B 123 12.67 -4.70 -15.89
CA ASP B 123 13.21 -4.64 -14.52
C ASP B 123 12.55 -5.61 -13.57
N ARG B 124 11.22 -5.57 -13.49
CA ARG B 124 10.42 -6.47 -12.67
C ARG B 124 9.73 -7.49 -13.57
N LEU B 125 9.65 -8.73 -13.10
CA LEU B 125 9.05 -9.80 -13.90
C LEU B 125 7.53 -9.81 -13.79
N ILE B 126 6.86 -9.84 -14.94
CA ILE B 126 5.42 -10.08 -15.01
C ILE B 126 5.17 -11.57 -14.81
N LYS B 127 4.28 -11.89 -13.87
CA LYS B 127 4.00 -13.26 -13.45
C LYS B 127 2.63 -13.75 -13.90
N GLY B 128 2.48 -15.06 -13.99
CA GLY B 128 1.16 -15.67 -14.10
C GLY B 128 0.59 -15.75 -15.49
N THR B 129 1.43 -15.48 -16.49
CA THR B 129 1.00 -15.41 -17.89
C THR B 129 2.09 -15.95 -18.80
N PRO B 130 1.70 -16.63 -19.88
CA PRO B 130 2.71 -17.05 -20.86
C PRO B 130 3.15 -15.90 -21.77
N ASN B 131 2.44 -14.79 -21.70
CA ASN B 131 2.60 -13.72 -22.69
C ASN B 131 3.63 -12.68 -22.29
N VAL B 132 4.83 -13.18 -22.03
CA VAL B 132 6.01 -12.37 -21.79
C VAL B 132 7.11 -12.97 -22.64
N ASP B 133 7.62 -12.16 -23.58
CA ASP B 133 8.58 -12.68 -24.54
C ASP B 133 10.01 -12.60 -24.05
N TYR B 134 10.30 -11.64 -23.18
CA TYR B 134 11.66 -11.31 -22.81
C TYR B 134 11.62 -10.54 -21.54
N TYR B 135 12.67 -10.66 -20.72
CA TYR B 135 12.78 -9.96 -19.45
C TYR B 135 14.17 -9.33 -19.39
N ALA B 136 14.23 -8.01 -19.29
CA ALA B 136 15.48 -7.28 -19.20
C ALA B 136 15.57 -6.64 -17.83
N THR B 137 16.66 -6.91 -17.09
CA THR B 137 16.74 -6.47 -15.71
C THR B 137 18.19 -6.38 -15.29
N PHE B 138 18.42 -6.07 -14.02
CA PHE B 138 19.73 -6.26 -13.40
C PHE B 138 19.78 -7.60 -12.69
N ASP B 139 20.98 -8.07 -12.35
CA ASP B 139 21.13 -9.32 -11.61
C ASP B 139 20.65 -9.10 -10.18
N ASN B 140 19.36 -9.36 -9.98
CA ASN B 140 18.72 -9.04 -8.70
C ASN B 140 19.25 -9.84 -7.54
N THR B 141 19.59 -11.11 -7.76
CA THR B 141 20.26 -11.89 -6.73
C THR B 141 21.56 -11.21 -6.30
N LYS B 142 22.35 -10.78 -7.28
CA LYS B 142 23.62 -10.15 -6.99
C LYS B 142 23.44 -8.85 -6.19
N VAL B 143 22.37 -8.11 -6.47
CA VAL B 143 22.10 -6.91 -5.70
C VAL B 143 22.06 -7.24 -4.20
N GLY B 144 21.34 -8.31 -3.85
CA GLY B 144 21.24 -8.72 -2.46
C GLY B 144 22.56 -9.18 -1.89
N VAL B 145 23.33 -9.94 -2.69
CA VAL B 145 24.66 -10.36 -2.29
C VAL B 145 25.53 -9.13 -1.97
N LEU B 146 25.47 -8.10 -2.79
CA LEU B 146 26.27 -6.90 -2.58
C LEU B 146 25.88 -6.19 -1.30
N GLN B 147 24.58 -6.06 -1.04
CA GLN B 147 24.13 -5.42 0.18
C GLN B 147 24.60 -6.19 1.41
N ALA B 148 24.43 -7.51 1.38
CA ALA B 148 24.84 -8.33 2.51
C ALA B 148 26.35 -8.32 2.71
N ASN B 149 27.12 -8.37 1.61
CA ASN B 149 28.56 -8.29 1.70
C ASN B 149 28.98 -7.02 2.39
N TYR B 150 28.31 -5.93 2.09
CA TYR B 150 28.69 -4.66 2.68
C TYR B 150 28.54 -4.72 4.20
N ILE B 151 27.43 -5.30 4.64
CA ILE B 151 27.21 -5.48 6.07
C ILE B 151 28.30 -6.35 6.72
N VAL B 152 28.55 -7.52 6.13
CA VAL B 152 29.53 -8.45 6.67
C VAL B 152 30.92 -7.84 6.70
N ASP B 153 31.33 -7.25 5.59
CA ASP B 153 32.67 -6.67 5.50
C ASP B 153 32.85 -5.55 6.50
N THR B 154 31.85 -4.68 6.61
CA THR B 154 32.00 -3.48 7.43
C THR B 154 31.99 -3.84 8.92
N LEU B 155 31.17 -4.82 9.31
CA LEU B 155 31.11 -5.24 10.71
C LEU B 155 32.34 -5.99 11.13
N GLY B 156 33.03 -6.64 10.20
CA GLY B 156 34.23 -7.41 10.54
C GLY B 156 33.95 -8.79 11.12
N VAL B 157 32.77 -9.34 10.86
CA VAL B 157 32.43 -10.65 11.39
C VAL B 157 33.31 -11.77 10.84
N ALA B 158 33.87 -11.60 9.66
CA ALA B 158 34.81 -12.60 9.13
C ALA B 158 36.12 -12.57 9.91
N ASP B 159 36.37 -11.49 10.64
CA ASP B 159 37.63 -11.30 11.35
C ASP B 159 37.51 -11.61 12.84
N GLY B 160 36.34 -12.07 13.27
CA GLY B 160 36.17 -12.43 14.66
C GLY B 160 35.38 -11.43 15.49
N LYS B 161 34.95 -10.33 14.91
CA LYS B 161 34.16 -9.35 15.65
C LYS B 161 32.73 -9.83 15.80
N GLY B 162 32.05 -9.37 16.84
CA GLY B 162 30.65 -9.70 17.05
C GLY B 162 30.39 -10.27 18.41
N PRO B 163 29.15 -10.67 18.70
CA PRO B 163 28.02 -10.62 17.77
C PRO B 163 27.48 -9.22 17.58
N PHE B 164 26.67 -9.06 16.55
CA PHE B 164 25.99 -7.83 16.22
C PHE B 164 24.51 -8.08 15.96
N ASN B 165 23.68 -7.10 16.28
CA ASN B 165 22.26 -7.15 16.00
C ASN B 165 21.94 -6.63 14.61
N LEU B 166 21.13 -7.40 13.90
CA LEU B 166 20.76 -7.19 12.51
C LEU B 166 19.25 -7.11 12.40
N GLU B 167 18.75 -6.16 11.60
CA GLU B 167 17.34 -6.19 11.23
C GLU B 167 17.22 -6.15 9.70
N LEU B 168 16.07 -6.61 9.21
CA LEU B 168 15.90 -6.95 7.80
C LEU B 168 14.65 -6.29 7.24
N PHE B 169 14.76 -5.81 6.01
CA PHE B 169 13.63 -5.33 5.23
C PHE B 169 13.66 -5.96 3.86
N ALA B 170 12.48 -6.21 3.30
CA ALA B 170 12.33 -6.63 1.91
C ALA B 170 11.39 -5.65 1.21
N GLY B 171 11.35 -5.74 -0.12
CA GLY B 171 10.48 -4.91 -0.91
C GLY B 171 9.04 -5.38 -0.93
N SER B 172 8.28 -4.89 -1.91
CA SER B 172 6.85 -5.10 -1.93
C SER B 172 6.55 -6.54 -2.34
N PRO B 173 5.57 -7.19 -1.69
CA PRO B 173 5.30 -8.59 -2.03
C PRO B 173 4.83 -8.84 -3.45
N ASP B 174 4.28 -7.83 -4.10
CA ASP B 174 3.81 -7.93 -5.48
C ASP B 174 4.87 -7.52 -6.51
N ASP B 175 6.13 -7.44 -6.08
CA ASP B 175 7.30 -7.18 -6.94
C ASP B 175 8.18 -8.41 -6.84
N ASN B 176 8.26 -9.18 -7.93
CA ASN B 176 9.02 -10.41 -7.94
C ASN B 176 10.49 -10.16 -7.60
N ASN B 177 11.00 -8.97 -7.89
CA ASN B 177 12.38 -8.69 -7.55
C ASN B 177 12.64 -8.80 -6.06
N ALA B 178 11.64 -8.49 -5.23
CA ALA B 178 11.87 -8.43 -3.80
C ALA B 178 12.38 -9.75 -3.23
N THR B 179 11.87 -10.86 -3.74
N THR B 179 11.86 -10.89 -3.70
CA THR B 179 12.29 -12.17 -3.29
CA THR B 179 12.33 -12.18 -3.19
C THR B 179 13.77 -12.40 -3.58
C THR B 179 13.79 -12.43 -3.57
N TYR B 180 14.22 -11.96 -4.75
CA TYR B 180 15.59 -12.18 -5.19
C TYR B 180 16.58 -11.32 -4.44
N PHE B 181 16.25 -10.07 -4.18
CA PHE B 181 17.12 -9.25 -3.35
C PHE B 181 17.28 -9.91 -1.98
N PHE B 182 16.17 -10.39 -1.43
CA PHE B 182 16.17 -10.98 -0.09
C PHE B 182 16.97 -12.28 -0.07
N GLN B 183 16.71 -13.17 -1.02
CA GLN B 183 17.42 -14.45 -1.04
C GLN B 183 18.91 -14.27 -1.28
N GLY B 184 19.27 -13.36 -2.18
CA GLY B 184 20.68 -13.07 -2.41
C GLY B 184 21.34 -12.62 -1.13
N ALA B 185 20.73 -11.69 -0.42
CA ALA B 185 21.27 -11.24 0.85
C ALA B 185 21.38 -12.38 1.86
N SER B 187 21.72 -15.50 1.40
CA SER B 187 22.77 -16.46 1.06
C SER B 187 24.10 -16.08 1.70
N VAL B 188 24.31 -14.79 1.91
CA VAL B 188 25.50 -14.30 2.58
C VAL B 188 25.32 -14.20 4.09
N LEU B 189 24.17 -13.73 4.53
CA LEU B 189 23.94 -13.47 5.96
C LEU B 189 23.66 -14.72 6.77
N GLN B 190 22.96 -15.70 6.20
CA GLN B 190 22.58 -16.86 6.99
C GLN B 190 23.76 -17.60 7.63
N PRO B 191 24.87 -17.79 6.91
CA PRO B 191 25.99 -18.47 7.59
C PRO B 191 26.47 -17.74 8.82
N TYR B 192 26.41 -16.41 8.84
CA TYR B 192 26.82 -15.64 10.01
C TYR B 192 25.76 -15.61 11.10
N ILE B 193 24.49 -15.77 10.75
CA ILE B 193 23.48 -16.03 11.76
C ILE B 193 23.76 -17.41 12.38
N ASP B 194 24.03 -18.41 11.53
CA ASP B 194 24.24 -19.76 12.01
C ASP B 194 25.48 -19.89 12.89
N SER B 195 26.52 -19.09 12.62
CA SER B 195 27.72 -19.16 13.45
C SER B 195 27.62 -18.25 14.68
N GLY B 196 26.50 -17.55 14.85
CA GLY B 196 26.26 -16.76 16.04
C GLY B 196 26.80 -15.34 16.00
N LYS B 197 27.31 -14.89 14.86
CA LYS B 197 27.89 -13.56 14.74
C LYS B 197 26.86 -12.48 14.47
N LEU B 198 25.71 -12.85 13.88
CA LEU B 198 24.64 -11.89 13.63
C LEU B 198 23.38 -12.45 14.26
N VAL B 199 22.64 -11.59 14.95
CA VAL B 199 21.41 -11.98 15.61
C VAL B 199 20.30 -11.02 15.20
N VAL B 200 19.20 -11.54 14.70
CA VAL B 200 18.06 -10.69 14.37
C VAL B 200 17.23 -10.58 15.65
N LYS B 201 17.49 -9.53 16.43
CA LYS B 201 16.95 -9.48 17.78
C LYS B 201 15.42 -9.48 17.80
N SER B 202 14.80 -8.83 16.82
CA SER B 202 13.35 -8.81 16.77
C SER B 202 12.73 -10.17 16.46
N GLY B 203 13.51 -11.10 15.94
CA GLY B 203 12.99 -12.37 15.48
C GLY B 203 12.27 -12.32 14.15
N GLN B 204 12.28 -11.17 13.50
CA GLN B 204 11.57 -11.02 12.23
C GLN B 204 12.47 -11.36 11.06
N THR B 205 12.28 -12.57 10.52
CA THR B 205 13.20 -13.12 9.55
C THR B 205 12.56 -13.67 8.28
N THR B 206 11.24 -13.86 8.24
CA THR B 206 10.63 -14.39 7.02
C THR B 206 10.36 -13.25 6.05
N PHE B 207 10.32 -13.57 4.76
CA PHE B 207 9.99 -12.58 3.76
C PHE B 207 8.67 -11.88 4.11
N ASP B 208 7.67 -12.65 4.48
CA ASP B 208 6.37 -12.06 4.76
C ASP B 208 6.42 -11.10 5.94
N GLN B 209 7.21 -11.41 6.96
CA GLN B 209 7.33 -10.54 8.12
C GLN B 209 7.99 -9.21 7.76
N ILE B 210 8.95 -9.23 6.83
CA ILE B 210 9.83 -8.07 6.60
C ILE B 210 9.51 -7.30 5.32
N ALA B 211 8.58 -7.79 4.51
CA ALA B 211 8.27 -7.13 3.24
C ALA B 211 7.62 -5.78 3.48
N THR B 212 7.90 -4.84 2.59
CA THR B 212 7.48 -3.45 2.76
C THR B 212 6.57 -3.07 1.60
N LEU B 213 5.28 -2.95 1.89
CA LEU B 213 4.28 -2.72 0.85
C LEU B 213 4.61 -1.46 0.06
N ARG B 214 4.53 -1.58 -1.27
CA ARG B 214 4.76 -0.44 -2.16
C ARG B 214 6.14 0.18 -2.00
N TRP B 215 7.08 -0.59 -1.46
CA TRP B 215 8.43 -0.09 -1.26
C TRP B 215 8.40 1.21 -0.46
N ASP B 216 7.42 1.38 0.42
CA ASP B 216 7.11 2.67 0.98
C ASP B 216 8.03 3.08 2.13
N GLY B 217 8.63 4.26 2.01
CA GLY B 217 9.50 4.77 3.04
C GLY B 217 8.82 5.08 4.35
N GLY B 218 7.57 5.50 4.30
CA GLY B 218 6.79 5.76 5.50
C GLY B 218 6.45 4.50 6.25
N LEU B 219 6.04 3.46 5.53
CA LEU B 219 5.80 2.19 6.16
C LEU B 219 7.08 1.59 6.71
N ALA B 220 8.20 1.79 6.03
CA ALA B 220 9.47 1.30 6.54
C ALA B 220 9.86 2.03 7.82
N GLN B 221 9.69 3.34 7.84
CA GLN B 221 9.97 4.12 9.02
C GLN B 221 9.11 3.65 10.18
N SER B 222 7.83 3.40 9.95
CA SER B 222 6.95 2.96 11.03
C SER B 222 7.34 1.58 11.56
N ARG B 223 7.75 0.68 10.68
CA ARG B 223 8.24 -0.61 11.15
C ARG B 223 9.51 -0.43 11.98
N ASP B 225 10.40 2.13 13.66
CA ASP B 225 10.01 2.70 14.95
C ASP B 225 9.64 1.59 15.93
N ASN B 226 8.83 0.64 15.47
CA ASN B 226 8.36 -0.44 16.30
C ASN B 226 9.49 -1.40 16.68
N LEU B 227 10.35 -1.74 15.73
CA LEU B 227 11.50 -2.59 16.06
C LEU B 227 12.32 -1.94 17.17
N LEU B 228 12.55 -0.64 17.06
CA LEU B 228 13.38 0.06 18.04
C LEU B 228 12.71 0.15 19.41
N SER B 229 11.43 0.46 19.45
CA SER B 229 10.75 0.61 20.74
C SER B 229 10.47 -0.73 21.40
N GLN B 230 10.28 -1.79 20.63
CA GLN B 230 9.92 -3.08 21.20
C GLN B 230 11.09 -4.05 21.37
N ALA B 231 12.00 -4.11 20.40
CA ALA B 231 13.16 -5.01 20.49
C ALA B 231 14.45 -4.33 21.00
N TYR B 232 14.54 -3.00 20.92
CA TYR B 232 15.78 -2.30 21.26
C TYR B 232 15.63 -1.15 22.28
N THR B 233 14.70 -1.27 23.21
CA THR B 233 14.68 -0.35 24.35
C THR B 233 15.91 -0.65 25.21
N SER B 234 16.47 -1.86 25.05
CA SER B 234 17.80 -2.20 25.53
C SER B 234 18.70 -2.65 24.37
N GLY B 235 19.95 -2.19 24.38
CA GLY B 235 20.89 -2.53 23.32
C GLY B 235 20.70 -1.70 22.06
N ARG B 236 21.37 -2.09 20.99
CA ARG B 236 21.34 -1.33 19.75
C ARG B 236 21.32 -2.24 18.55
N VAL B 237 20.80 -1.72 17.45
CA VAL B 237 20.91 -2.40 16.18
C VAL B 237 22.21 -1.92 15.51
N ASP B 238 22.91 -2.88 14.90
CA ASP B 238 24.22 -2.62 14.31
C ASP B 238 24.19 -2.56 12.78
N ALA B 239 23.23 -3.23 12.16
CA ALA B 239 23.11 -3.22 10.70
C ALA B 239 21.66 -3.43 10.34
N VAL B 240 21.23 -2.71 9.30
CA VAL B 240 19.92 -2.90 8.72
C VAL B 240 20.07 -3.22 7.25
N LEU B 241 19.58 -4.39 6.86
CA LEU B 241 19.48 -4.75 5.45
C LEU B 241 18.29 -4.00 4.86
N SER B 242 18.59 -2.91 4.16
CA SER B 242 17.58 -2.18 3.41
C SER B 242 17.79 -2.46 1.94
N PRO B 243 16.73 -2.89 1.25
CA PRO B 243 16.87 -3.25 -0.16
C PRO B 243 16.63 -2.09 -1.11
N TYR B 244 16.37 -0.89 -0.61
CA TYR B 244 15.99 0.22 -1.48
C TYR B 244 16.19 1.54 -0.75
N ASP B 245 16.74 2.52 -1.46
CA ASP B 245 17.06 3.82 -0.89
C ASP B 245 15.89 4.52 -0.17
N GLY B 246 14.67 4.43 -0.71
CA GLY B 246 13.54 5.06 -0.06
C GLY B 246 13.27 4.43 1.30
N ILE B 247 13.40 3.11 1.41
CA ILE B 247 13.33 2.40 2.67
C ILE B 247 14.50 2.84 3.57
N SER B 248 15.70 2.96 2.99
CA SER B 248 16.86 3.32 3.77
C SER B 248 16.65 4.65 4.49
N ARG B 249 16.13 5.63 3.77
CA ARG B 249 15.97 6.96 4.36
C ARG B 249 14.88 6.96 5.44
N GLY B 250 13.83 6.17 5.25
CA GLY B 250 12.83 6.04 6.29
C GLY B 250 13.38 5.39 7.55
N VAL B 251 14.18 4.34 7.41
N VAL B 251 14.15 4.33 7.34
CA VAL B 251 14.71 3.72 8.62
CA VAL B 251 14.85 3.63 8.42
C VAL B 251 15.74 4.64 9.29
C VAL B 251 15.72 4.60 9.22
N ILE B 252 16.48 5.41 8.50
CA ILE B 252 17.40 6.38 9.11
C ILE B 252 16.66 7.43 9.92
N SER B 253 15.51 7.88 9.44
N SER B 253 15.52 7.91 9.42
CA SER B 253 14.72 8.85 10.19
CA SER B 253 14.69 8.83 10.17
C SER B 253 14.23 8.25 11.52
C SER B 253 14.31 8.23 11.52
N ALA B 254 13.81 7.00 11.49
CA ALA B 254 13.40 6.31 12.70
C ALA B 254 14.56 6.16 13.68
N LEU B 255 15.73 5.83 13.16
CA LEU B 255 16.91 5.64 14.00
C LEU B 255 17.30 6.96 14.67
N LYS B 256 17.31 8.05 13.89
CA LYS B 256 17.65 9.35 14.46
C LYS B 256 16.66 9.75 15.55
N SER B 257 15.38 9.52 15.31
N SER B 257 15.38 9.50 15.30
CA SER B 257 14.37 9.85 16.29
CA SER B 257 14.33 9.81 16.27
C SER B 257 14.57 9.06 17.59
C SER B 257 14.50 9.03 17.57
N ALA B 258 15.16 7.87 17.49
CA ALA B 258 15.38 7.01 18.66
C ALA B 258 16.78 7.20 19.26
N GLY B 259 17.49 8.24 18.83
CA GLY B 259 18.73 8.61 19.51
C GLY B 259 20.02 8.05 18.90
N TYR B 260 19.93 7.54 17.68
CA TYR B 260 21.12 7.15 16.92
C TYR B 260 21.65 8.33 16.11
N GLY B 261 22.94 8.27 15.74
CA GLY B 261 23.56 9.30 14.93
C GLY B 261 24.46 10.25 15.71
N ASN B 262 25.11 9.75 16.74
CA ASN B 262 26.03 10.55 17.53
C ASN B 262 27.22 9.68 17.93
N ALA B 263 28.22 10.29 18.58
CA ALA B 263 29.46 9.59 18.88
C ALA B 263 29.27 8.34 19.71
N ALA B 264 28.39 8.42 20.71
CA ALA B 264 28.16 7.30 21.58
C ALA B 264 27.44 6.19 20.83
N LYS B 265 26.47 6.59 20.00
CA LYS B 265 25.56 5.65 19.34
C LYS B 265 25.43 6.01 17.87
N PRO B 266 26.45 5.63 17.08
CA PRO B 266 26.40 5.94 15.66
C PRO B 266 25.24 5.20 14.98
N LEU B 267 24.84 5.72 13.83
CA LEU B 267 23.89 5.00 13.01
C LEU B 267 24.43 3.62 12.71
N PRO B 268 23.56 2.61 12.64
CA PRO B 268 23.98 1.31 12.15
C PRO B 268 24.38 1.42 10.68
N ILE B 269 25.00 0.38 10.17
CA ILE B 269 25.17 0.23 8.73
C ILE B 269 23.78 0.14 8.11
N VAL B 270 23.49 0.97 7.10
CA VAL B 270 22.24 0.89 6.36
C VAL B 270 22.60 0.83 4.89
N THR B 271 22.18 -0.25 4.23
CA THR B 271 22.42 -0.47 2.81
C THR B 271 21.34 0.21 1.99
N GLY B 272 21.32 -0.04 0.70
CA GLY B 272 20.30 0.57 -0.15
C GLY B 272 20.36 0.09 -1.57
N GLN B 273 19.60 0.77 -2.42
CA GLN B 273 19.56 0.47 -3.84
C GLN B 273 18.91 1.62 -4.58
N ASP B 274 19.52 1.93 -5.74
CA ASP B 274 19.08 2.85 -6.81
C ASP B 274 19.94 4.10 -6.90
N ALA B 275 20.78 4.38 -5.91
CA ALA B 275 21.55 5.64 -5.89
C ALA B 275 20.65 6.85 -6.13
N GLU B 276 19.50 6.87 -5.46
CA GLU B 276 18.63 8.04 -5.47
C GLU B 276 19.41 9.23 -4.95
N LEU B 277 19.18 10.40 -5.52
CA LEU B 277 20.01 11.53 -5.19
C LEU B 277 20.00 11.85 -3.70
N ALA B 278 18.84 11.78 -3.06
CA ALA B 278 18.78 12.05 -1.62
C ALA B 278 19.61 11.06 -0.82
N SER B 279 19.70 9.82 -1.30
CA SER B 279 20.53 8.81 -0.64
C SER B 279 22.01 9.02 -0.92
N VAL B 280 22.38 9.47 -2.12
CA VAL B 280 23.77 9.79 -2.39
C VAL B 280 24.20 10.94 -1.48
N LYS B 281 23.34 11.94 -1.33
CA LYS B 281 23.65 13.04 -0.43
C LYS B 281 23.75 12.54 1.01
N SER B 282 22.91 11.57 1.39
CA SER B 282 23.01 10.97 2.72
C SER B 282 24.36 10.27 2.94
N ILE B 283 24.83 9.57 1.91
CA ILE B 283 26.16 8.97 1.96
C ILE B 283 27.25 10.01 2.18
N VAL B 284 27.19 11.11 1.43
CA VAL B 284 28.14 12.22 1.57
C VAL B 284 28.06 12.83 2.97
N ALA B 285 26.87 12.82 3.55
CA ALA B 285 26.64 13.34 4.89
C ALA B 285 27.00 12.34 5.98
N GLY B 286 27.55 11.18 5.64
CA GLY B 286 27.94 10.21 6.65
C GLY B 286 26.76 9.56 7.36
N GLU B 287 25.63 9.46 6.68
CA GLU B 287 24.45 8.84 7.28
C GLU B 287 24.18 7.49 6.61
N GLN B 288 23.39 7.42 5.55
CA GLN B 288 23.27 6.16 4.82
C GLN B 288 24.67 5.67 4.45
N THR B 289 24.90 4.37 4.56
CA THR B 289 26.25 3.83 4.40
C THR B 289 26.52 3.32 2.98
N GLN B 290 25.52 2.76 2.32
CA GLN B 290 25.75 2.07 1.07
C GLN B 290 24.49 2.13 0.21
N THR B 291 24.70 2.11 -1.10
CA THR B 291 23.61 1.88 -2.04
C THR B 291 24.14 1.00 -3.16
N VAL B 292 23.27 0.70 -4.11
CA VAL B 292 23.63 -0.14 -5.27
C VAL B 292 23.19 0.63 -6.50
N PHE B 293 24.16 0.89 -7.36
CA PHE B 293 23.95 1.59 -8.62
C PHE B 293 23.53 0.65 -9.73
N LYS B 294 22.40 0.96 -10.34
CA LYS B 294 21.87 0.24 -11.48
C LYS B 294 21.64 1.30 -12.55
N ASP B 295 22.53 1.36 -13.53
CA ASP B 295 22.51 2.44 -14.48
C ASP B 295 21.32 2.33 -15.42
N THR B 296 20.31 3.15 -15.18
CA THR B 296 19.11 3.12 -15.99
C THR B 296 19.39 3.46 -17.45
N ARG B 297 20.47 4.17 -17.74
CA ARG B 297 20.83 4.47 -19.12
C ARG B 297 21.16 3.19 -19.87
N GLU B 298 21.78 2.25 -19.16
CA GLU B 298 22.19 1.00 -19.77
C GLU B 298 21.02 0.01 -19.87
N LEU B 299 20.15 -0.03 -18.87
CA LEU B 299 18.96 -0.88 -19.01
C LEU B 299 18.05 -0.34 -20.11
N ALA B 300 17.92 0.99 -20.22
CA ALA B 300 17.14 1.58 -21.31
C ALA B 300 17.78 1.26 -22.66
N LYS B 301 19.08 1.40 -22.77
CA LYS B 301 19.78 1.03 -24.00
C LYS B 301 19.49 -0.42 -24.38
N ALA B 302 19.58 -1.32 -23.41
CA ALA B 302 19.30 -2.73 -23.66
C ALA B 302 17.88 -2.95 -24.15
N ALA B 303 16.90 -2.37 -23.46
CA ALA B 303 15.53 -2.54 -23.88
C ALA B 303 15.30 -2.05 -25.30
N VAL B 304 15.88 -0.90 -25.63
CA VAL B 304 15.69 -0.34 -26.96
C VAL B 304 16.42 -1.19 -28.02
N GLN B 305 17.68 -1.53 -27.76
CA GLN B 305 18.44 -2.32 -28.73
C GLN B 305 17.78 -3.67 -28.96
N GLU B 306 17.32 -4.32 -27.90
CA GLU B 306 16.75 -5.65 -28.02
C GLU B 306 15.31 -5.61 -28.57
N ALA B 307 14.55 -4.56 -28.27
CA ALA B 307 13.24 -4.34 -28.89
C ALA B 307 13.40 -4.13 -30.38
N ASP B 308 14.38 -3.29 -30.74
CA ASP B 308 14.65 -3.06 -32.14
C ASP B 308 15.04 -4.36 -32.84
N ALA B 309 15.83 -5.20 -32.18
CA ALA B 309 16.23 -6.48 -32.74
C ALA B 309 15.00 -7.32 -33.03
N VAL B 310 14.12 -7.48 -32.05
CA VAL B 310 13.03 -8.41 -32.28
C VAL B 310 12.02 -7.84 -33.30
N LEU B 311 11.96 -6.52 -33.45
CA LEU B 311 11.03 -5.92 -34.44
C LEU B 311 11.62 -5.89 -35.85
N THR B 312 12.89 -6.22 -36.00
CA THR B 312 13.53 -6.17 -37.30
C THR B 312 14.12 -7.53 -37.70
N GLY B 313 13.61 -8.60 -37.11
CA GLY B 313 13.99 -9.93 -37.53
C GLY B 313 15.15 -10.54 -36.76
N GLY B 314 15.60 -9.86 -35.72
CA GLY B 314 16.66 -10.37 -34.87
C GLY B 314 16.10 -11.02 -33.62
N THR B 315 16.97 -11.25 -32.64
CA THR B 315 16.59 -12.00 -31.44
C THR B 315 17.19 -11.33 -30.22
N PRO B 316 16.37 -11.02 -29.22
CA PRO B 316 16.89 -10.42 -27.99
C PRO B 316 17.94 -11.30 -27.32
N GLN B 317 19.02 -10.69 -26.83
CA GLN B 317 20.09 -11.47 -26.21
C GLN B 317 19.68 -11.92 -24.81
N VAL B 318 20.07 -13.14 -24.49
CA VAL B 318 19.64 -13.82 -23.28
C VAL B 318 20.86 -14.38 -22.58
N ASN B 319 20.97 -14.12 -21.27
CA ASN B 319 22.06 -14.69 -20.50
C ASN B 319 21.60 -15.40 -19.23
N ASP B 320 20.29 -15.60 -19.09
CA ASP B 320 19.79 -16.41 -17.99
C ASP B 320 18.53 -17.12 -18.43
N THR B 321 18.57 -18.44 -18.40
CA THR B 321 17.44 -19.29 -18.77
C THR B 321 17.05 -20.24 -17.63
N GLU B 322 17.36 -19.85 -16.40
CA GLU B 322 17.06 -20.70 -15.25
C GLU B 322 16.37 -19.99 -14.09
N THR B 323 16.67 -18.72 -13.88
CA THR B 323 16.22 -18.06 -12.67
C THR B 323 14.76 -17.64 -12.69
N TYR B 324 14.34 -17.00 -13.78
CA TYR B 324 13.11 -16.21 -13.75
C TYR B 324 11.88 -16.99 -14.24
N ASP B 325 11.54 -18.00 -13.46
CA ASP B 325 10.26 -18.71 -13.54
C ASP B 325 9.16 -17.74 -13.12
N ASN B 326 8.24 -17.42 -14.01
CA ASN B 326 7.21 -16.43 -13.70
C ASN B 326 5.90 -17.05 -13.24
N GLY B 327 5.95 -18.34 -12.92
CA GLY B 327 4.76 -19.07 -12.51
C GLY B 327 4.17 -19.91 -13.63
N VAL B 328 4.46 -19.54 -14.88
CA VAL B 328 3.96 -20.26 -16.05
C VAL B 328 5.14 -20.78 -16.86
N LYS B 329 6.22 -20.02 -16.96
CA LYS B 329 7.40 -20.48 -17.72
C LYS B 329 8.62 -19.74 -17.20
N VAL B 330 9.80 -20.27 -17.52
CA VAL B 330 11.05 -19.56 -17.28
C VAL B 330 11.24 -18.59 -18.45
N VAL B 331 11.14 -17.30 -18.16
CA VAL B 331 11.20 -16.28 -19.19
C VAL B 331 12.66 -16.07 -19.61
N PRO B 332 12.93 -16.03 -20.92
CA PRO B 332 14.29 -15.74 -21.37
C PRO B 332 14.69 -14.36 -20.88
N SER B 333 15.83 -14.28 -20.17
CA SER B 333 16.15 -13.08 -19.43
C SER B 333 17.55 -12.59 -19.74
N TYR B 334 17.73 -11.29 -19.61
CA TYR B 334 19.01 -10.63 -19.81
C TYR B 334 19.27 -9.78 -18.57
N LEU B 335 20.36 -10.10 -17.89
CA LEU B 335 20.74 -9.47 -16.62
C LEU B 335 21.97 -8.59 -16.77
N LEU B 336 21.82 -7.32 -16.42
CA LEU B 336 22.92 -6.37 -16.37
C LEU B 336 23.53 -6.36 -14.96
N ASP B 337 24.76 -5.86 -14.86
CA ASP B 337 25.52 -5.92 -13.62
C ASP B 337 25.26 -4.70 -12.71
N PRO B 338 24.89 -4.95 -11.44
CA PRO B 338 24.75 -3.88 -10.46
C PRO B 338 26.09 -3.60 -9.80
N VAL B 339 26.26 -2.42 -9.21
CA VAL B 339 27.54 -1.98 -8.66
C VAL B 339 27.34 -1.37 -7.27
N SER B 340 28.03 -1.91 -6.27
CA SER B 340 27.93 -1.39 -4.93
C SER B 340 28.63 -0.04 -4.82
N VAL B 341 28.00 0.88 -4.10
CA VAL B 341 28.49 2.24 -3.91
C VAL B 341 28.46 2.63 -2.44
N ASP B 342 29.56 3.23 -1.98
CA ASP B 342 29.60 3.83 -0.67
C ASP B 342 30.38 5.13 -0.75
N LYS B 343 30.74 5.71 0.38
CA LYS B 343 31.43 6.99 0.39
C LYS B 343 32.75 6.94 -0.39
N SER B 344 33.37 5.77 -0.47
CA SER B 344 34.69 5.67 -1.09
C SER B 344 34.68 5.67 -2.61
N ASN B 345 33.57 5.32 -3.25
CA ASN B 345 33.56 5.21 -4.71
C ASN B 345 32.40 5.91 -5.40
N TYR B 346 31.62 6.70 -4.70
CA TYR B 346 30.47 7.31 -5.35
C TYR B 346 30.91 8.26 -6.47
N LYS B 347 32.05 8.93 -6.33
CA LYS B 347 32.44 9.86 -7.38
C LYS B 347 32.78 9.10 -8.65
N LYS B 348 33.60 8.05 -8.55
CA LYS B 348 33.96 7.28 -9.73
C LYS B 348 32.73 6.65 -10.35
N VAL B 349 31.85 6.08 -9.55
CA VAL B 349 30.76 5.29 -10.10
C VAL B 349 29.63 6.16 -10.65
N LEU B 350 29.29 7.23 -9.93
CA LEU B 350 28.10 8.02 -10.24
C LEU B 350 28.36 9.34 -10.95
N ILE B 351 29.52 9.97 -10.70
N ILE B 351 29.51 9.97 -10.66
CA ILE B 351 29.78 11.29 -11.22
CA ILE B 351 29.82 11.29 -11.19
C ILE B 351 30.68 11.20 -12.45
C ILE B 351 30.65 11.16 -12.46
N ASP B 352 31.75 10.44 -12.37
CA ASP B 352 32.64 10.27 -13.52
C ASP B 352 31.91 9.56 -14.67
N SER B 353 30.90 8.77 -14.36
CA SER B 353 30.10 8.10 -15.38
C SER B 353 29.04 9.00 -15.99
N GLY B 354 28.88 10.21 -15.46
CA GLY B 354 27.89 11.14 -15.96
C GLY B 354 26.49 10.94 -15.42
N TYR B 355 26.28 10.01 -14.49
CA TYR B 355 24.91 9.79 -14.01
C TYR B 355 24.41 11.03 -13.27
N TYR B 356 25.24 11.58 -12.38
CA TYR B 356 24.96 12.84 -11.70
C TYR B 356 26.10 13.80 -11.96
N THR B 357 25.83 15.07 -11.74
CA THR B 357 26.88 16.10 -11.81
C THR B 357 27.43 16.43 -10.44
N GLU B 358 28.59 17.07 -10.40
CA GLU B 358 29.18 17.41 -9.12
C GLU B 358 28.30 18.39 -8.35
N THR B 359 27.60 19.26 -9.06
CA THR B 359 26.68 20.20 -8.42
C THR B 359 25.54 19.50 -7.70
N GLN B 360 25.02 18.43 -8.28
CA GLN B 360 23.91 17.68 -7.68
C GLN B 360 24.29 16.98 -6.40
N VAL B 361 25.53 16.49 -6.33
CA VAL B 361 25.95 15.69 -5.20
C VAL B 361 26.73 16.54 -4.21
N GLN B 362 26.06 16.93 -3.14
CA GLN B 362 26.62 17.82 -2.12
C GLN B 362 26.23 17.35 -0.74
#